data_5QKA
#
_entry.id   5QKA
#
_cell.length_a   49.753
_cell.length_b   60.122
_cell.length_c   79.520
_cell.angle_alpha   79.240
_cell.angle_beta   81.030
_cell.angle_gamma   75.230
#
_symmetry.space_group_name_H-M   'P 1'
#
loop_
_entity.id
_entity.type
_entity.pdbx_description
1 polymer 'ADP-sugar pyrophosphatase'
2 non-polymer 'MAGNESIUM ION'
3 non-polymer 'CHLORIDE ION'
4 non-polymer 1-methyl-3-[(3R)-piperidin-3-yl]-1H-pyrazole-4-carboxamide
5 non-polymer 1,2-ETHANEDIOL
6 water water
#
_entity_poly.entity_id   1
_entity_poly.type   'polypeptide(L)'
_entity_poly.pdbx_seq_one_letter_code
;SMESQEPTESSQNGKQYIISEELISEGKWVKLEKTTYMDPTGKTRTWESVKRTTRKEQTADGVAVIPVLQRTLHYECIVL
VKQFRPPMGGYCIEFPAGLIDDGETPEAAALRELEEETGYKGDIAECSPAVCMDPGLSNCTIHIVTVTINGDDAENARPK
PKPGDGEFVEVISLPKNDLLQRLDALVAEEHLTVDARVYSYALALKHAN
;
_entity_poly.pdbx_strand_id   A,B,C,D
#
# COMPACT_ATOMS: atom_id res chain seq x y z
N LYS A 15 -45.34 -10.82 5.06
CA LYS A 15 -45.90 -12.17 4.78
C LYS A 15 -45.40 -13.25 5.76
N GLN A 16 -44.09 -13.39 5.93
CA GLN A 16 -43.52 -14.46 6.83
C GLN A 16 -43.33 -13.96 8.27
N TYR A 17 -43.60 -14.82 9.24
CA TYR A 17 -43.44 -14.48 10.67
C TYR A 17 -43.12 -15.73 11.46
N ILE A 18 -42.69 -15.52 12.72
CA ILE A 18 -42.31 -16.64 13.58
C ILE A 18 -43.57 -17.21 14.26
N ILE A 19 -43.69 -18.55 14.27
CA ILE A 19 -44.76 -19.22 15.00
C ILE A 19 -44.31 -19.66 16.40
N SER A 20 -43.12 -20.25 16.47
CA SER A 20 -42.67 -20.74 17.77
C SER A 20 -41.15 -20.93 17.77
N GLU A 21 -40.55 -20.80 18.95
CA GLU A 21 -39.11 -21.06 19.15
C GLU A 21 -38.95 -22.07 20.31
N GLU A 22 -38.34 -23.22 20.03
CA GLU A 22 -38.19 -24.32 20.97
C GLU A 22 -36.72 -24.57 21.23
N LEU A 23 -36.33 -24.58 22.50
CA LEU A 23 -34.95 -24.88 22.86
C LEU A 23 -34.59 -26.29 22.46
N ILE A 24 -33.42 -26.46 21.89
CA ILE A 24 -32.83 -27.78 21.64
C ILE A 24 -31.77 -27.95 22.75
N SER A 25 -30.73 -27.12 22.74
CA SER A 25 -29.63 -27.23 23.70
C SER A 25 -29.21 -25.86 24.17
N GLU A 26 -29.16 -25.61 25.49
CA GLU A 26 -28.66 -24.35 26.05
C GLU A 26 -27.33 -24.59 26.75
N GLY A 27 -26.27 -23.93 26.24
CA GLY A 27 -24.98 -23.82 26.94
C GLY A 27 -24.95 -22.62 27.88
N LYS A 28 -23.78 -22.33 28.44
CA LYS A 28 -23.65 -21.09 29.25
C LYS A 28 -23.70 -19.82 28.42
N TRP A 29 -23.24 -19.90 27.15
CA TRP A 29 -23.05 -18.75 26.29
C TRP A 29 -23.84 -18.74 24.96
N VAL A 30 -24.24 -19.91 24.50
CA VAL A 30 -24.78 -20.19 23.16
C VAL A 30 -25.80 -21.33 23.28
N LYS A 31 -26.93 -21.15 22.59
CA LYS A 31 -28.03 -22.09 22.53
C LYS A 31 -28.41 -22.37 21.07
N LEU A 32 -29.06 -23.51 20.88
CA LEU A 32 -29.59 -23.95 19.61
C LEU A 32 -31.15 -24.14 19.72
N GLU A 33 -31.90 -23.52 18.82
CA GLU A 33 -33.36 -23.48 18.87
C GLU A 33 -33.92 -24.05 17.59
N LYS A 34 -35.10 -24.70 17.71
CA LYS A 34 -35.90 -25.15 16.56
C LYS A 34 -36.90 -24.05 16.29
N THR A 35 -36.78 -23.39 15.16
CA THR A 35 -37.66 -22.27 14.83
C THR A 35 -38.74 -22.71 13.86
N THR A 36 -40.00 -22.42 14.19
CA THR A 36 -41.11 -22.69 13.31
C THR A 36 -41.67 -21.38 12.82
N TYR A 37 -41.84 -21.30 11.51
CA TYR A 37 -42.23 -20.05 10.91
C TYR A 37 -43.17 -20.32 9.78
N MET A 38 -43.92 -19.26 9.47
CA MET A 38 -44.84 -19.25 8.31
C MET A 38 -44.12 -18.80 7.02
N ASP A 39 -44.08 -19.66 5.99
CA ASP A 39 -43.59 -19.27 4.62
C ASP A 39 -44.66 -18.45 3.81
N PRO A 40 -44.26 -17.86 2.67
CA PRO A 40 -45.19 -16.99 1.91
C PRO A 40 -46.14 -17.72 0.93
N THR A 41 -46.02 -19.05 0.79
CA THR A 41 -47.11 -19.91 0.25
C THR A 41 -48.21 -20.18 1.32
N GLY A 42 -47.93 -19.90 2.59
CA GLY A 42 -48.84 -20.20 3.72
C GLY A 42 -48.60 -21.57 4.38
N LYS A 43 -47.55 -22.28 3.94
CA LYS A 43 -47.03 -23.50 4.60
C LYS A 43 -46.17 -23.14 5.85
N THR A 44 -46.29 -23.96 6.90
CA THR A 44 -45.44 -23.92 8.08
C THR A 44 -44.08 -24.61 7.79
N ARG A 45 -42.97 -24.02 8.26
CA ARG A 45 -41.63 -24.63 8.13
C ARG A 45 -40.76 -24.44 9.40
N THR A 46 -39.71 -25.26 9.50
CA THR A 46 -38.77 -25.18 10.60
C THR A 46 -37.37 -24.74 10.16
N TRP A 47 -36.59 -24.27 11.12
CA TRP A 47 -35.22 -23.75 10.90
C TRP A 47 -34.41 -24.03 12.20
N GLU A 48 -33.19 -24.53 12.08
CA GLU A 48 -32.30 -24.63 13.25
C GLU A 48 -31.52 -23.32 13.42
N SER A 49 -31.68 -22.67 14.57
CA SER A 49 -31.24 -21.30 14.80
C SER A 49 -30.36 -21.24 16.02
N VAL A 50 -29.28 -20.47 15.89
CA VAL A 50 -28.34 -20.22 16.98
C VAL A 50 -28.64 -18.90 17.60
N LYS A 51 -28.49 -18.84 18.91
CA LYS A 51 -28.64 -17.56 19.62
C LYS A 51 -27.64 -17.51 20.80
N ARG A 52 -27.21 -16.33 21.18
CA ARG A 52 -26.43 -16.22 22.40
C ARG A 52 -27.38 -16.30 23.58
N THR A 53 -26.87 -16.71 24.73
CA THR A 53 -27.63 -16.61 26.00
C THR A 53 -27.50 -15.25 26.72
N THR A 54 -26.66 -14.35 26.20
CA THR A 54 -26.16 -13.17 26.90
C THR A 54 -26.87 -11.86 26.57
N ARG A 55 -27.83 -11.86 25.64
CA ARG A 55 -28.44 -10.63 25.19
C ARG A 55 -29.57 -10.31 26.12
N LYS A 56 -29.68 -9.06 26.54
CA LYS A 56 -30.71 -8.67 27.48
C LYS A 56 -31.54 -7.57 26.86
N GLU A 57 -31.24 -6.33 27.20
CA GLU A 57 -31.90 -5.18 26.61
C GLU A 57 -30.98 -4.50 25.57
N GLN A 58 -29.79 -5.05 25.31
CA GLN A 58 -28.91 -4.44 24.33
C GLN A 58 -29.61 -4.34 22.98
N THR A 59 -29.36 -3.26 22.29
CA THR A 59 -29.83 -3.08 20.90
C THR A 59 -29.19 -4.09 19.94
N ALA A 60 -28.18 -4.82 20.43
CA ALA A 60 -27.46 -5.79 19.67
C ALA A 60 -26.61 -6.58 20.66
N ASP A 61 -26.08 -7.71 20.22
CA ASP A 61 -25.17 -8.51 21.04
C ASP A 61 -23.87 -7.79 21.28
N GLY A 62 -23.36 -7.17 20.24
CA GLY A 62 -21.99 -6.63 20.29
C GLY A 62 -21.73 -5.36 19.47
N VAL A 63 -20.46 -4.95 19.47
CA VAL A 63 -19.99 -3.90 18.61
C VAL A 63 -18.75 -4.41 17.90
N ALA A 64 -18.54 -3.89 16.72
CA ALA A 64 -17.23 -3.97 16.05
C ALA A 64 -16.85 -2.52 15.73
N VAL A 65 -15.59 -2.19 15.85
CA VAL A 65 -15.12 -0.84 15.71
C VAL A 65 -14.29 -0.77 14.45
N ILE A 66 -14.60 0.21 13.64
CA ILE A 66 -13.75 0.57 12.45
C ILE A 66 -12.89 1.75 12.95
N PRO A 67 -11.61 1.48 13.31
CA PRO A 67 -10.84 2.51 13.94
C PRO A 67 -9.87 3.14 12.95
N VAL A 68 -10.13 4.39 12.64
CA VAL A 68 -9.30 5.17 11.66
C VAL A 68 -8.22 5.96 12.35
N LEU A 69 -6.98 5.44 12.27
CA LEU A 69 -5.90 6.07 12.91
C LEU A 69 -5.42 7.21 12.01
N GLN A 70 -5.45 8.44 12.53
CA GLN A 70 -5.08 9.69 11.79
C GLN A 70 -3.89 10.36 12.43
N ARG A 71 -2.87 10.66 11.64
CA ARG A 71 -1.65 11.28 12.16
C ARG A 71 -1.10 12.18 11.13
N THR A 72 -0.79 13.43 11.49
CA THR A 72 -0.23 14.36 10.51
C THR A 72 1.00 13.76 9.70
N LEU A 73 0.95 13.94 8.39
CA LEU A 73 1.97 13.46 7.42
C LEU A 73 2.09 11.92 7.45
N HIS A 74 1.07 11.24 7.94
CA HIS A 74 0.89 9.75 7.71
C HIS A 74 -0.35 9.47 6.89
N TYR A 75 -0.29 8.40 6.10
CA TYR A 75 -1.48 7.91 5.49
C TYR A 75 -2.33 7.33 6.63
N GLU A 76 -3.63 7.48 6.47
CA GLU A 76 -4.66 6.98 7.42
C GLU A 76 -4.53 5.49 7.56
N CYS A 77 -4.56 4.94 8.79
CA CYS A 77 -4.52 3.47 8.93
C CYS A 77 -5.81 2.97 9.52
N ILE A 78 -6.12 1.72 9.18
CA ILE A 78 -7.22 0.93 9.84
C ILE A 78 -6.58 0.07 10.88
N VAL A 79 -7.04 0.19 12.14
CA VAL A 79 -6.46 -0.56 13.21
C VAL A 79 -7.23 -1.88 13.40
N LEU A 80 -6.52 -3.00 13.17
CA LEU A 80 -7.10 -4.32 13.33
C LEU A 80 -6.41 -5.09 14.45
N VAL A 81 -7.02 -6.22 14.82
CA VAL A 81 -6.50 -7.05 15.88
C VAL A 81 -6.42 -8.50 15.43
N LYS A 82 -5.42 -9.21 15.94
CA LYS A 82 -5.18 -10.63 15.59
C LYS A 82 -5.25 -11.41 16.90
N GLN A 83 -6.08 -12.45 16.90
CA GLN A 83 -6.38 -13.22 18.07
C GLN A 83 -6.61 -14.66 17.68
N PHE A 84 -6.35 -15.53 18.63
CA PHE A 84 -6.75 -16.93 18.46
C PHE A 84 -8.26 -17.00 18.74
N ARG A 85 -8.96 -17.77 17.96
CA ARG A 85 -10.39 -17.88 18.01
C ARG A 85 -10.69 -19.38 18.09
N PRO A 86 -11.09 -19.82 19.28
CA PRO A 86 -11.28 -21.24 19.41
C PRO A 86 -12.29 -21.85 18.40
N PRO A 87 -13.45 -21.19 18.07
CA PRO A 87 -14.30 -21.81 17.00
C PRO A 87 -13.62 -22.08 15.68
N MET A 88 -12.71 -21.19 15.31
CA MET A 88 -11.97 -21.34 14.09
C MET A 88 -10.78 -22.30 14.18
N GLY A 89 -10.37 -22.67 15.40
CA GLY A 89 -9.08 -23.31 15.67
C GLY A 89 -7.84 -22.65 15.06
N GLY A 90 -7.78 -21.32 15.13
CA GLY A 90 -6.64 -20.61 14.67
C GLY A 90 -6.82 -19.11 14.85
N TYR A 91 -5.85 -18.41 14.29
CA TYR A 91 -5.73 -16.95 14.39
C TYR A 91 -6.54 -16.21 13.31
N CYS A 92 -7.20 -15.11 13.73
CA CYS A 92 -8.06 -14.38 12.83
C CYS A 92 -7.73 -12.92 12.89
N ILE A 93 -7.89 -12.23 11.77
CA ILE A 93 -7.70 -10.74 11.77
C ILE A 93 -9.05 -10.07 11.64
N GLU A 94 -9.34 -9.18 12.58
CA GLU A 94 -10.68 -8.69 12.73
C GLU A 94 -10.62 -7.22 13.15
N PHE A 95 -11.71 -6.52 12.91
CA PHE A 95 -11.94 -5.27 13.62
C PHE A 95 -12.00 -5.55 15.11
N PRO A 96 -11.55 -4.61 15.93
CA PRO A 96 -11.71 -4.74 17.37
C PRO A 96 -13.22 -4.81 17.70
N ALA A 97 -13.59 -5.63 18.67
CA ALA A 97 -15.00 -6.05 18.86
C ALA A 97 -15.16 -6.66 20.20
N GLY A 98 -16.36 -6.49 20.77
CA GLY A 98 -16.74 -7.26 21.92
C GLY A 98 -18.22 -7.13 22.17
N LEU A 99 -18.72 -7.89 23.12
CA LEU A 99 -20.14 -7.78 23.45
C LEU A 99 -20.43 -6.52 24.26
N ILE A 100 -21.65 -6.02 24.16
CA ILE A 100 -22.05 -4.82 24.88
C ILE A 100 -22.43 -5.25 26.29
N ASP A 101 -21.87 -4.58 27.30
CA ASP A 101 -22.24 -4.91 28.70
C ASP A 101 -23.67 -4.45 28.98
N ASP A 102 -24.33 -5.07 29.95
CA ASP A 102 -25.72 -4.66 30.28
C ASP A 102 -25.72 -3.19 30.72
N GLY A 103 -26.59 -2.36 30.13
CA GLY A 103 -26.68 -0.95 30.49
C GLY A 103 -25.73 -0.03 29.76
N GLU A 104 -24.81 -0.63 29.00
CA GLU A 104 -23.80 0.10 28.26
C GLU A 104 -24.37 0.48 26.88
N THR A 105 -24.04 1.66 26.41
CA THR A 105 -24.49 2.05 25.05
C THR A 105 -23.54 1.41 23.99
N PRO A 106 -23.99 1.32 22.73
CA PRO A 106 -23.02 0.83 21.72
C PRO A 106 -21.73 1.69 21.60
N GLU A 107 -21.85 2.98 21.65
CA GLU A 107 -20.73 3.87 21.58
C GLU A 107 -19.72 3.64 22.72
N ALA A 108 -20.24 3.42 23.93
CA ALA A 108 -19.38 3.28 25.11
C ALA A 108 -18.68 1.96 24.97
N ALA A 109 -19.39 0.91 24.53
CA ALA A 109 -18.85 -0.41 24.30
C ALA A 109 -17.72 -0.37 23.28
N ALA A 110 -17.94 0.31 22.18
CA ALA A 110 -16.91 0.46 21.09
C ALA A 110 -15.64 1.14 21.61
N LEU A 111 -15.77 2.25 22.33
CA LEU A 111 -14.64 2.96 22.80
C LEU A 111 -13.92 2.14 23.84
N ARG A 112 -14.65 1.42 24.69
CA ARG A 112 -14.05 0.61 25.73
C ARG A 112 -13.27 -0.52 25.14
N GLU A 113 -13.92 -1.29 24.25
CA GLU A 113 -13.29 -2.41 23.57
C GLU A 113 -12.10 -1.99 22.73
N LEU A 114 -12.19 -0.86 22.06
CA LEU A 114 -11.04 -0.34 21.32
C LEU A 114 -9.86 -0.06 22.27
N GLU A 115 -10.12 0.59 23.40
CA GLU A 115 -9.02 0.84 24.36
C GLU A 115 -8.46 -0.43 24.99
N GLU A 116 -9.34 -1.36 25.38
CA GLU A 116 -8.92 -2.65 25.94
C GLU A 116 -8.10 -3.48 24.96
N GLU A 117 -8.50 -3.51 23.70
CA GLU A 117 -7.86 -4.41 22.75
C GLU A 117 -6.65 -3.82 22.05
N THR A 118 -6.62 -2.51 21.91
CA THR A 118 -5.52 -1.85 21.21
C THR A 118 -4.72 -0.83 22.01
N GLY A 119 -5.27 -0.38 23.13
CA GLY A 119 -4.70 0.78 23.83
C GLY A 119 -5.13 2.18 23.36
N TYR A 120 -5.73 2.29 22.18
CA TYR A 120 -6.07 3.59 21.63
C TYR A 120 -7.33 4.13 22.26
N LYS A 121 -7.31 5.45 22.45
CA LYS A 121 -8.47 6.22 22.84
C LYS A 121 -9.04 6.94 21.64
N GLY A 122 -10.18 6.45 21.23
CA GLY A 122 -10.79 6.97 20.07
C GLY A 122 -11.82 8.00 20.34
N ASP A 123 -12.33 8.55 19.25
CA ASP A 123 -13.48 9.55 19.25
C ASP A 123 -14.55 9.05 18.34
N ILE A 124 -15.81 9.06 18.81
CA ILE A 124 -16.91 8.49 18.02
C ILE A 124 -17.07 9.27 16.72
N ALA A 125 -17.19 8.58 15.58
CA ALA A 125 -17.55 9.25 14.33
C ALA A 125 -18.99 8.97 13.94
N GLU A 126 -19.37 7.71 13.91
CA GLU A 126 -20.72 7.29 13.56
C GLU A 126 -20.96 5.88 14.10
N CYS A 127 -22.21 5.53 14.19
CA CYS A 127 -22.64 4.27 14.75
C CYS A 127 -23.81 3.76 13.93
N SER A 128 -23.67 2.54 13.43
CA SER A 128 -24.69 1.92 12.59
C SER A 128 -25.90 1.45 13.38
N PRO A 129 -27.02 1.22 12.70
CA PRO A 129 -28.01 0.35 13.32
C PRO A 129 -27.49 -1.07 13.54
N ALA A 130 -28.22 -1.80 14.36
CA ALA A 130 -27.97 -3.19 14.49
C ALA A 130 -27.97 -3.91 13.12
N VAL A 131 -26.84 -4.58 12.85
CA VAL A 131 -26.67 -5.37 11.61
C VAL A 131 -26.38 -6.83 11.94
N CYS A 132 -26.80 -7.75 11.06
CA CYS A 132 -26.80 -9.18 11.38
C CYS A 132 -25.52 -9.86 10.96
N MET A 133 -24.93 -10.63 11.89
CA MET A 133 -23.70 -11.34 11.66
C MET A 133 -23.69 -12.52 10.67
N ASP A 134 -24.71 -13.37 10.67
CA ASP A 134 -24.77 -14.57 9.82
C ASP A 134 -26.24 -15.04 9.94
N PRO A 135 -27.18 -14.32 9.27
CA PRO A 135 -28.61 -14.35 9.56
C PRO A 135 -29.26 -15.65 9.14
N GLY A 136 -28.62 -16.41 8.29
CA GLY A 136 -29.03 -17.80 8.03
C GLY A 136 -28.71 -18.82 9.12
N LEU A 137 -27.80 -18.47 10.04
CA LEU A 137 -27.36 -19.31 11.12
C LEU A 137 -27.86 -18.81 12.50
N SER A 138 -27.75 -17.52 12.78
CA SER A 138 -27.93 -16.98 14.10
C SER A 138 -28.70 -15.69 14.12
N ASN A 139 -29.19 -15.31 15.32
CA ASN A 139 -29.76 -13.97 15.51
C ASN A 139 -28.75 -12.90 15.87
N CYS A 140 -27.48 -13.22 15.83
CA CYS A 140 -26.46 -12.31 16.36
C CYS A 140 -26.39 -11.05 15.56
N THR A 141 -26.31 -9.93 16.30
CA THR A 141 -26.21 -8.62 15.73
C THR A 141 -25.12 -7.88 16.42
N ILE A 142 -24.59 -6.95 15.66
CA ILE A 142 -23.70 -5.89 16.17
C ILE A 142 -24.07 -4.52 15.72
N HIS A 143 -23.55 -3.47 16.42
CA HIS A 143 -23.43 -2.17 15.83
C HIS A 143 -21.99 -2.02 15.33
N ILE A 144 -21.86 -1.54 14.12
CA ILE A 144 -20.58 -1.15 13.57
C ILE A 144 -20.34 0.33 13.88
N VAL A 145 -19.34 0.59 14.72
CA VAL A 145 -19.06 1.95 15.18
C VAL A 145 -17.74 2.39 14.59
N THR A 146 -17.78 3.47 13.84
CA THR A 146 -16.61 4.12 13.22
C THR A 146 -16.08 5.11 14.21
N VAL A 147 -14.77 5.01 14.48
CA VAL A 147 -14.11 5.82 15.44
C VAL A 147 -12.84 6.30 14.82
N THR A 148 -12.52 7.57 15.05
CA THR A 148 -11.25 8.18 14.66
C THR A 148 -10.32 8.21 15.85
N ILE A 149 -9.05 7.97 15.60
CA ILE A 149 -8.07 7.99 16.62
C ILE A 149 -7.13 9.11 16.25
N ASN A 150 -6.94 10.06 17.17
CA ASN A 150 -6.04 11.17 16.90
C ASN A 150 -4.68 10.66 17.32
N GLY A 151 -3.89 10.15 16.36
CA GLY A 151 -2.59 9.54 16.70
C GLY A 151 -1.50 10.54 17.08
N ASP A 152 -1.81 11.84 16.91
CA ASP A 152 -0.95 12.94 17.38
C ASP A 152 -1.17 13.25 18.87
N ASP A 153 -2.23 12.73 19.48
CA ASP A 153 -2.48 12.98 20.91
C ASP A 153 -1.48 12.17 21.72
N ALA A 154 -0.93 12.76 22.79
CA ALA A 154 0.05 12.07 23.62
C ALA A 154 -0.56 10.84 24.32
N GLU A 155 -1.88 10.85 24.52
CA GLU A 155 -2.60 9.69 25.04
C GLU A 155 -2.55 8.47 24.08
N ASN A 156 -2.27 8.70 22.80
CA ASN A 156 -2.23 7.64 21.79
C ASN A 156 -0.84 7.37 21.22
N ALA A 157 0.17 7.78 21.99
CA ALA A 157 1.57 7.78 21.55
C ALA A 157 2.11 6.39 21.80
N ARG A 158 1.89 5.92 23.01
CA ARG A 158 2.29 4.61 23.50
C ARG A 158 1.02 3.85 23.88
N PRO A 159 0.25 3.40 22.87
CA PRO A 159 -0.91 2.56 23.19
C PRO A 159 -0.52 1.18 23.73
N LYS A 160 -0.98 0.87 24.95
CA LYS A 160 -0.84 -0.45 25.59
C LYS A 160 -2.19 -1.20 25.65
N PRO A 161 -2.34 -2.33 24.93
CA PRO A 161 -3.58 -3.09 25.17
C PRO A 161 -3.79 -3.43 26.65
N LYS A 162 -5.02 -3.29 27.12
CA LYS A 162 -5.44 -3.73 28.45
C LYS A 162 -6.35 -4.97 28.31
N PRO A 163 -5.77 -6.13 27.99
CA PRO A 163 -6.58 -7.34 27.88
C PRO A 163 -7.14 -7.87 29.24
N GLY A 164 -8.34 -8.43 29.19
CA GLY A 164 -8.95 -9.13 30.32
C GLY A 164 -8.42 -10.54 30.45
N ASP A 165 -8.94 -11.25 31.44
CA ASP A 165 -8.63 -12.67 31.68
C ASP A 165 -8.97 -13.46 30.40
N GLY A 166 -7.99 -14.16 29.83
CA GLY A 166 -8.24 -14.94 28.61
C GLY A 166 -8.25 -14.19 27.27
N GLU A 167 -7.97 -12.88 27.31
CA GLU A 167 -7.83 -12.04 26.12
C GLU A 167 -6.36 -11.90 25.83
N PHE A 168 -5.98 -12.14 24.59
CA PHE A 168 -4.58 -12.05 24.17
C PHE A 168 -4.57 -11.50 22.75
N VAL A 169 -4.34 -10.21 22.62
CA VAL A 169 -4.63 -9.52 21.39
C VAL A 169 -3.37 -8.81 20.89
N GLU A 170 -3.05 -9.08 19.63
CA GLU A 170 -2.04 -8.34 18.89
C GLU A 170 -2.68 -7.27 18.01
N VAL A 171 -2.06 -6.08 17.97
CA VAL A 171 -2.53 -5.00 17.12
C VAL A 171 -1.81 -4.90 15.78
N ILE A 172 -2.59 -4.74 14.72
CA ILE A 172 -2.07 -4.65 13.38
C ILE A 172 -2.74 -3.46 12.66
N SER A 173 -1.93 -2.45 12.39
CA SER A 173 -2.41 -1.24 11.72
C SER A 173 -1.98 -1.18 10.30
N LEU A 174 -2.91 -1.07 9.38
CA LEU A 174 -2.58 -1.13 7.95
C LEU A 174 -3.08 0.12 7.23
N PRO A 175 -2.32 0.66 6.27
CA PRO A 175 -2.83 1.83 5.52
C PRO A 175 -4.09 1.58 4.76
N LYS A 176 -5.10 2.45 4.97
CA LYS A 176 -6.35 2.42 4.25
C LYS A 176 -6.21 2.36 2.73
N ASN A 177 -5.27 3.14 2.18
CA ASN A 177 -5.01 3.23 0.74
C ASN A 177 -4.43 1.97 0.11
N ASP A 178 -4.13 0.96 0.91
CA ASP A 178 -3.60 -0.33 0.38
C ASP A 178 -4.10 -1.52 1.18
N LEU A 179 -5.31 -1.39 1.76
CA LEU A 179 -5.72 -2.34 2.75
C LEU A 179 -5.83 -3.79 2.20
N LEU A 180 -6.49 -3.96 1.07
CA LEU A 180 -6.77 -5.28 0.54
C LEU A 180 -5.41 -5.97 0.25
N GLN A 181 -4.46 -5.27 -0.40
CA GLN A 181 -3.16 -5.94 -0.72
C GLN A 181 -2.40 -6.31 0.52
N ARG A 182 -2.43 -5.46 1.56
CA ARG A 182 -1.75 -5.74 2.78
C ARG A 182 -2.33 -6.90 3.57
N LEU A 183 -3.66 -7.03 3.55
CA LEU A 183 -4.32 -8.21 4.06
C LEU A 183 -3.93 -9.51 3.28
N ASP A 184 -3.94 -9.42 1.96
CA ASP A 184 -3.47 -10.55 1.08
C ASP A 184 -2.02 -10.93 1.43
N ALA A 185 -1.13 -9.96 1.62
CA ALA A 185 0.25 -10.22 2.00
C ALA A 185 0.39 -10.87 3.39
N LEU A 186 -0.52 -10.54 4.31
CA LEU A 186 -0.52 -11.27 5.58
C LEU A 186 -1.05 -12.69 5.46
N VAL A 187 -2.09 -12.91 4.64
CA VAL A 187 -2.68 -14.23 4.41
C VAL A 187 -1.62 -15.13 3.74
N ALA A 188 -0.91 -14.57 2.75
CA ALA A 188 0.17 -15.33 2.10
C ALA A 188 1.36 -15.68 3.04
N GLU A 189 1.62 -14.89 4.09
CA GLU A 189 2.80 -15.07 4.96
C GLU A 189 2.64 -15.97 6.24
N GLU A 190 1.42 -16.32 6.63
CA GLU A 190 1.14 -17.19 7.81
C GLU A 190 -0.27 -17.82 7.66
N HIS A 191 -0.60 -18.84 8.47
CA HIS A 191 -1.93 -19.47 8.44
C HIS A 191 -2.78 -18.58 9.32
N LEU A 192 -3.70 -17.89 8.68
CA LEU A 192 -4.62 -17.03 9.41
C LEU A 192 -5.79 -16.74 8.50
N THR A 193 -6.91 -16.32 9.08
CA THR A 193 -8.10 -16.01 8.35
C THR A 193 -8.47 -14.53 8.60
N VAL A 194 -8.83 -13.86 7.55
CA VAL A 194 -9.29 -12.49 7.66
C VAL A 194 -10.78 -12.57 7.83
N ASP A 195 -11.29 -11.71 8.67
CA ASP A 195 -12.73 -11.58 8.86
C ASP A 195 -13.46 -11.01 7.65
N ALA A 196 -14.61 -11.59 7.37
CA ALA A 196 -15.45 -11.12 6.28
C ALA A 196 -15.84 -9.67 6.23
N ARG A 197 -16.10 -9.06 7.38
CA ARG A 197 -16.45 -7.63 7.41
C ARG A 197 -15.22 -6.80 7.09
N VAL A 198 -14.07 -7.19 7.60
CA VAL A 198 -12.83 -6.50 7.24
C VAL A 198 -12.54 -6.67 5.76
N TYR A 199 -12.76 -7.87 5.22
CA TYR A 199 -12.46 -8.09 3.79
C TYR A 199 -13.42 -7.30 2.93
N SER A 200 -14.65 -7.27 3.34
CA SER A 200 -15.67 -6.46 2.65
C SER A 200 -15.30 -5.00 2.63
N TYR A 201 -14.88 -4.49 3.78
CA TYR A 201 -14.49 -3.09 3.86
C TYR A 201 -13.28 -2.80 2.94
N ALA A 202 -12.29 -3.69 2.99
CA ALA A 202 -11.13 -3.57 2.09
C ALA A 202 -11.45 -3.68 0.62
N LEU A 203 -12.36 -4.55 0.24
CA LEU A 203 -12.86 -4.59 -1.15
C LEU A 203 -13.54 -3.33 -1.62
N ALA A 204 -14.48 -2.77 -0.83
CA ALA A 204 -15.07 -1.52 -1.20
C ALA A 204 -14.04 -0.38 -1.34
N LEU A 205 -13.01 -0.34 -0.52
CA LEU A 205 -11.98 0.73 -0.64
C LEU A 205 -11.31 0.59 -2.02
N LYS A 206 -11.13 -0.64 -2.49
CA LYS A 206 -10.56 -0.88 -3.86
C LYS A 206 -11.57 -0.46 -4.90
N HIS A 207 -12.82 -0.93 -4.79
CA HIS A 207 -13.85 -0.68 -5.81
C HIS A 207 -14.20 0.82 -5.93
N ALA A 208 -13.97 1.61 -4.87
CA ALA A 208 -14.09 3.07 -4.95
C ALA A 208 -12.75 3.71 -5.34
N LYS B 15 1.43 -20.22 19.58
CA LYS B 15 1.27 -20.29 21.05
C LYS B 15 -0.03 -20.97 21.40
N GLN B 16 -1.15 -20.56 20.78
CA GLN B 16 -2.46 -21.15 21.11
C GLN B 16 -2.94 -22.17 20.11
N TYR B 17 -3.71 -23.13 20.61
CA TYR B 17 -4.10 -24.28 19.80
C TYR B 17 -5.23 -25.06 20.45
N ILE B 18 -5.99 -25.79 19.62
CA ILE B 18 -7.07 -26.64 20.09
C ILE B 18 -6.45 -27.90 20.70
N ILE B 19 -7.00 -28.31 21.84
CA ILE B 19 -6.61 -29.54 22.54
C ILE B 19 -7.70 -30.58 22.22
N SER B 20 -8.97 -30.24 22.41
CA SER B 20 -10.06 -31.14 22.04
C SER B 20 -11.40 -30.44 21.92
N GLU B 21 -12.34 -31.13 21.27
CA GLU B 21 -13.73 -30.71 21.17
C GLU B 21 -14.63 -31.76 21.83
N GLU B 22 -15.66 -31.26 22.50
CA GLU B 22 -16.68 -32.09 23.09
C GLU B 22 -18.00 -31.75 22.41
N LEU B 23 -18.62 -32.70 21.70
CA LEU B 23 -19.94 -32.44 21.13
C LEU B 23 -20.95 -32.14 22.25
N ILE B 24 -21.69 -31.04 22.15
CA ILE B 24 -22.79 -30.78 23.08
C ILE B 24 -24.10 -31.25 22.44
N SER B 25 -24.33 -30.88 21.19
CA SER B 25 -25.64 -31.06 20.58
C SER B 25 -25.53 -30.95 19.06
N GLU B 26 -26.00 -31.96 18.34
CA GLU B 26 -25.91 -31.99 16.89
C GLU B 26 -27.31 -31.98 16.37
N GLY B 27 -27.56 -31.11 15.39
CA GLY B 27 -28.80 -31.10 14.65
C GLY B 27 -28.50 -31.68 13.29
N LYS B 28 -29.46 -31.48 12.40
CA LYS B 28 -29.30 -31.78 10.98
C LYS B 28 -28.37 -30.77 10.29
N TRP B 29 -28.51 -29.48 10.65
CA TRP B 29 -27.80 -28.38 9.97
C TRP B 29 -26.64 -27.74 10.77
N VAL B 30 -26.75 -27.77 12.10
CA VAL B 30 -25.88 -26.98 12.98
C VAL B 30 -25.59 -27.81 14.22
N LYS B 31 -24.35 -27.81 14.70
CA LYS B 31 -23.98 -28.37 16.01
C LYS B 31 -23.28 -27.38 16.95
N LEU B 32 -23.42 -27.66 18.26
CA LEU B 32 -22.82 -26.91 19.35
C LEU B 32 -21.75 -27.78 20.01
N GLU B 33 -20.53 -27.26 20.05
CA GLU B 33 -19.37 -27.92 20.70
C GLU B 33 -18.77 -27.13 21.85
N LYS B 34 -18.07 -27.82 22.75
CA LYS B 34 -17.32 -27.16 23.78
C LYS B 34 -15.88 -27.48 23.44
N THR B 35 -15.14 -26.42 23.11
CA THR B 35 -13.76 -26.48 22.63
C THR B 35 -12.84 -26.24 23.80
N THR B 36 -11.89 -27.14 24.00
CA THR B 36 -10.82 -26.93 24.98
C THR B 36 -9.55 -26.49 24.25
N TYR B 37 -8.90 -25.44 24.76
CA TYR B 37 -7.74 -24.88 24.08
C TYR B 37 -6.71 -24.40 25.08
N MET B 38 -5.48 -24.26 24.59
CA MET B 38 -4.37 -23.83 25.39
C MET B 38 -4.26 -22.33 25.25
N ASP B 39 -4.30 -21.61 26.37
CA ASP B 39 -4.16 -20.17 26.28
C ASP B 39 -2.65 -19.88 26.11
N PRO B 40 -2.26 -18.65 25.78
CA PRO B 40 -0.85 -18.42 25.47
C PRO B 40 0.06 -18.57 26.68
N THR B 41 -0.51 -18.46 27.88
CA THR B 41 0.21 -18.62 29.14
C THR B 41 0.34 -20.07 29.62
N GLY B 42 -0.23 -21.02 28.88
CA GLY B 42 -0.18 -22.44 29.26
C GLY B 42 -1.31 -22.88 30.18
N LYS B 43 -2.38 -22.07 30.27
CA LYS B 43 -3.56 -22.45 31.02
C LYS B 43 -4.59 -22.97 30.03
N THR B 44 -5.25 -24.03 30.44
CA THR B 44 -6.22 -24.73 29.62
C THR B 44 -7.56 -24.02 29.77
N ARG B 45 -8.23 -23.70 28.66
CA ARG B 45 -9.50 -22.96 28.69
C ARG B 45 -10.54 -23.59 27.75
N THR B 46 -11.81 -23.26 28.01
CA THR B 46 -12.95 -23.77 27.28
C THR B 46 -13.73 -22.64 26.52
N TRP B 47 -14.37 -23.02 25.42
CA TRP B 47 -15.11 -22.09 24.58
C TRP B 47 -16.27 -22.82 23.93
N GLU B 48 -17.45 -22.20 23.95
CA GLU B 48 -18.63 -22.76 23.32
C GLU B 48 -18.70 -22.26 21.88
N SER B 49 -18.74 -23.19 20.96
CA SER B 49 -18.54 -22.92 19.56
C SER B 49 -19.62 -23.61 18.75
N VAL B 50 -19.97 -22.98 17.63
CA VAL B 50 -20.95 -23.46 16.71
C VAL B 50 -20.27 -23.88 15.41
N LYS B 51 -20.69 -24.99 14.84
CA LYS B 51 -20.25 -25.37 13.51
C LYS B 51 -21.47 -25.75 12.66
N ARG B 52 -21.37 -25.54 11.35
CA ARG B 52 -22.33 -26.18 10.42
C ARG B 52 -21.94 -27.66 10.24
N THR B 53 -22.92 -28.51 9.89
CA THR B 53 -22.65 -29.93 9.64
C THR B 53 -22.35 -30.25 8.17
N THR B 54 -22.49 -29.27 7.29
CA THR B 54 -22.56 -29.44 5.84
C THR B 54 -21.24 -29.27 5.06
N ARG B 55 -20.15 -28.84 5.69
CA ARG B 55 -18.89 -28.63 4.93
C ARG B 55 -18.21 -29.95 4.58
N LYS B 56 -17.53 -30.00 3.41
CA LYS B 56 -16.74 -31.17 3.00
C LYS B 56 -15.40 -31.21 3.77
N GLN B 58 -14.39 -28.99 1.19
CA GLN B 58 -14.71 -27.66 0.65
C GLN B 58 -13.75 -26.58 1.13
N THR B 59 -13.47 -25.62 0.25
CA THR B 59 -12.71 -24.38 0.56
C THR B 59 -13.29 -23.59 1.77
N ALA B 60 -14.60 -23.71 1.98
CA ALA B 60 -15.38 -22.82 2.85
C ALA B 60 -16.84 -23.30 2.83
N ASP B 61 -17.66 -22.75 3.72
CA ASP B 61 -19.06 -23.16 3.82
C ASP B 61 -19.88 -22.67 2.64
N GLY B 62 -19.69 -21.39 2.29
CA GLY B 62 -20.57 -20.62 1.44
C GLY B 62 -19.81 -19.63 0.54
N VAL B 63 -20.60 -18.94 -0.28
CA VAL B 63 -20.18 -17.77 -1.04
C VAL B 63 -21.12 -16.65 -0.79
N ALA B 64 -20.61 -15.43 -0.86
CA ALA B 64 -21.47 -14.27 -0.89
C ALA B 64 -20.99 -13.52 -2.13
N VAL B 65 -21.95 -13.02 -2.87
CA VAL B 65 -21.68 -12.39 -4.16
C VAL B 65 -21.87 -10.89 -4.03
N ILE B 66 -20.82 -10.16 -4.34
CA ILE B 66 -20.95 -8.72 -4.52
C ILE B 66 -21.25 -8.55 -6.04
N PRO B 67 -22.54 -8.27 -6.42
CA PRO B 67 -22.89 -8.16 -7.85
C PRO B 67 -23.00 -6.73 -8.25
N VAL B 68 -22.10 -6.32 -9.13
CA VAL B 68 -22.05 -4.97 -9.61
C VAL B 68 -22.81 -4.90 -10.94
N LEU B 69 -23.99 -4.29 -10.93
CA LEU B 69 -24.84 -4.18 -12.11
C LEU B 69 -24.51 -2.94 -12.91
N GLN B 70 -24.08 -3.18 -14.15
CA GLN B 70 -23.50 -2.12 -14.96
C GLN B 70 -24.37 -1.94 -16.19
N ARG B 71 -25.09 -0.83 -16.24
CA ARG B 71 -25.90 -0.44 -17.33
C ARG B 71 -25.42 0.93 -17.83
N THR B 72 -25.23 1.04 -19.12
CA THR B 72 -24.74 2.32 -19.64
C THR B 72 -25.79 3.45 -19.48
N LEU B 73 -25.28 4.65 -19.16
CA LEU B 73 -26.09 5.82 -18.93
C LEU B 73 -26.96 5.71 -17.67
N HIS B 74 -26.62 4.77 -16.80
CA HIS B 74 -27.28 4.61 -15.47
C HIS B 74 -26.21 4.57 -14.42
N TYR B 75 -26.59 4.91 -13.17
CA TYR B 75 -25.70 4.60 -12.05
C TYR B 75 -25.38 3.13 -11.95
N GLU B 76 -24.16 2.84 -11.61
CA GLU B 76 -23.77 1.52 -11.23
C GLU B 76 -24.51 1.16 -9.93
N CYS B 77 -25.08 -0.04 -9.90
CA CYS B 77 -25.84 -0.53 -8.74
C CYS B 77 -25.17 -1.77 -8.14
N ILE B 78 -25.48 -2.00 -6.86
CA ILE B 78 -25.13 -3.23 -6.19
C ILE B 78 -26.42 -3.97 -6.00
N VAL B 79 -26.44 -5.23 -6.39
CA VAL B 79 -27.65 -6.04 -6.34
C VAL B 79 -27.69 -6.81 -5.00
N LEU B 80 -28.75 -6.61 -4.25
CA LEU B 80 -28.89 -7.25 -2.96
C LEU B 80 -30.20 -7.99 -2.92
N VAL B 81 -30.27 -8.94 -1.98
CA VAL B 81 -31.49 -9.69 -1.78
C VAL B 81 -32.13 -9.40 -0.41
N LYS B 82 -33.44 -9.36 -0.38
CA LYS B 82 -34.24 -9.27 0.83
C LYS B 82 -35.00 -10.60 1.01
N GLN B 83 -34.89 -11.16 2.21
CA GLN B 83 -35.33 -12.54 2.54
C GLN B 83 -35.79 -12.52 4.04
N PHE B 84 -36.78 -13.34 4.41
CA PHE B 84 -37.16 -13.55 5.81
C PHE B 84 -36.10 -14.52 6.33
N ARG B 85 -35.54 -14.20 7.51
CA ARG B 85 -34.50 -15.08 8.09
C ARG B 85 -34.94 -15.61 9.44
N PRO B 86 -35.28 -16.90 9.48
CA PRO B 86 -35.91 -17.40 10.73
C PRO B 86 -35.05 -17.17 11.99
N PRO B 87 -33.71 -17.24 11.88
CA PRO B 87 -32.95 -16.93 13.14
C PRO B 87 -33.13 -15.49 13.63
N MET B 88 -33.33 -14.56 12.71
CA MET B 88 -33.55 -13.18 13.05
C MET B 88 -34.96 -12.84 13.42
N GLY B 89 -35.91 -13.69 13.04
CA GLY B 89 -37.35 -13.37 13.13
C GLY B 89 -37.81 -12.20 12.33
N GLY B 90 -37.16 -11.92 11.20
CA GLY B 90 -37.51 -10.77 10.39
C GLY B 90 -36.80 -10.81 9.05
N TYR B 91 -37.01 -9.76 8.30
CA TYR B 91 -36.40 -9.64 6.98
C TYR B 91 -35.03 -8.97 7.07
N CYS B 92 -34.07 -9.51 6.31
CA CYS B 92 -32.72 -9.04 6.15
C CYS B 92 -32.38 -8.67 4.71
N ILE B 93 -31.46 -7.70 4.57
CA ILE B 93 -30.91 -7.27 3.26
C ILE B 93 -29.44 -7.77 3.23
N GLU B 94 -29.12 -8.59 2.24
CA GLU B 94 -27.84 -9.30 2.17
C GLU B 94 -27.32 -9.35 0.74
N PHE B 95 -26.04 -9.66 0.60
CA PHE B 95 -25.49 -10.06 -0.69
C PHE B 95 -26.11 -11.40 -1.04
N PRO B 96 -26.39 -11.63 -2.33
CA PRO B 96 -26.69 -12.99 -2.80
C PRO B 96 -25.70 -13.99 -2.35
N ALA B 97 -26.16 -15.13 -1.89
CA ALA B 97 -25.28 -16.02 -1.19
C ALA B 97 -25.92 -17.35 -1.01
N GLY B 98 -25.06 -18.33 -0.84
CA GLY B 98 -25.48 -19.65 -0.47
C GLY B 98 -24.33 -20.58 -0.23
N LEU B 99 -24.68 -21.75 0.28
CA LEU B 99 -23.67 -22.79 0.54
C LEU B 99 -23.14 -23.34 -0.78
N ILE B 100 -21.88 -23.76 -0.74
CA ILE B 100 -21.17 -24.33 -1.86
C ILE B 100 -21.50 -25.84 -1.89
N ASP B 101 -21.98 -26.34 -3.02
CA ASP B 101 -22.20 -27.81 -3.20
C ASP B 101 -20.87 -28.58 -3.20
N ASP B 102 -20.82 -29.78 -2.62
CA ASP B 102 -19.65 -30.66 -2.83
C ASP B 102 -19.39 -30.77 -4.36
N GLY B 103 -18.13 -30.62 -4.78
CA GLY B 103 -17.75 -30.61 -6.20
C GLY B 103 -17.71 -29.25 -6.88
N GLU B 104 -18.56 -28.32 -6.43
CA GLU B 104 -18.58 -26.93 -6.92
C GLU B 104 -17.31 -26.18 -6.45
N THR B 105 -16.73 -25.41 -7.37
CA THR B 105 -15.72 -24.39 -7.05
C THR B 105 -16.47 -23.13 -6.51
N PRO B 106 -15.78 -22.22 -5.77
CA PRO B 106 -16.53 -21.05 -5.25
C PRO B 106 -17.11 -20.14 -6.34
N GLU B 107 -16.31 -19.90 -7.37
CA GLU B 107 -16.70 -19.13 -8.57
C GLU B 107 -18.00 -19.64 -9.17
N ALA B 108 -18.09 -20.96 -9.31
CA ALA B 108 -19.24 -21.61 -9.91
C ALA B 108 -20.45 -21.43 -9.01
N ALA B 109 -20.25 -21.65 -7.71
CA ALA B 109 -21.28 -21.45 -6.70
C ALA B 109 -21.81 -20.04 -6.73
N ALA B 110 -20.89 -19.09 -6.89
CA ALA B 110 -21.22 -17.67 -6.94
C ALA B 110 -22.07 -17.37 -8.14
N LEU B 111 -21.66 -17.83 -9.32
CA LEU B 111 -22.50 -17.55 -10.48
C LEU B 111 -23.88 -18.19 -10.39
N ARG B 112 -23.95 -19.40 -9.85
CA ARG B 112 -25.22 -20.13 -9.73
C ARG B 112 -26.12 -19.47 -8.69
N GLU B 113 -25.54 -19.10 -7.54
CA GLU B 113 -26.34 -18.49 -6.49
C GLU B 113 -26.85 -17.16 -6.94
N LEU B 114 -25.99 -16.38 -7.58
CA LEU B 114 -26.44 -15.13 -8.19
C LEU B 114 -27.61 -15.33 -9.14
N GLU B 115 -27.50 -16.30 -10.03
CA GLU B 115 -28.59 -16.54 -11.01
C GLU B 115 -29.85 -17.03 -10.35
N GLU B 116 -29.74 -18.02 -9.48
CA GLU B 116 -30.94 -18.50 -8.76
C GLU B 116 -31.62 -17.39 -7.96
N GLU B 117 -30.84 -16.50 -7.33
CA GLU B 117 -31.40 -15.53 -6.39
C GLU B 117 -31.83 -14.26 -7.01
N THR B 118 -31.19 -13.85 -8.11
CA THR B 118 -31.55 -12.62 -8.79
C THR B 118 -32.02 -12.77 -10.25
N GLY B 119 -31.73 -13.92 -10.87
CA GLY B 119 -31.85 -14.11 -12.31
C GLY B 119 -30.71 -13.55 -13.15
N TYR B 120 -29.74 -12.85 -12.54
CA TYR B 120 -28.66 -12.25 -13.33
C TYR B 120 -27.59 -13.24 -13.65
N LYS B 121 -27.01 -13.04 -14.83
CA LYS B 121 -25.87 -13.80 -15.31
C LYS B 121 -24.62 -12.96 -15.26
N GLY B 122 -23.60 -13.42 -14.54
CA GLY B 122 -22.49 -12.57 -14.21
C GLY B 122 -21.18 -13.12 -14.65
N ASP B 123 -20.17 -12.28 -14.63
CA ASP B 123 -18.80 -12.66 -14.92
C ASP B 123 -18.02 -12.46 -13.64
N ILE B 124 -17.15 -13.41 -13.33
CA ILE B 124 -16.29 -13.28 -12.14
C ILE B 124 -15.31 -12.12 -12.33
N ALA B 125 -15.18 -11.24 -11.34
CA ALA B 125 -14.11 -10.26 -11.34
C ALA B 125 -12.96 -10.68 -10.47
N GLU B 126 -13.25 -11.13 -9.25
CA GLU B 126 -12.25 -11.54 -8.31
C GLU B 126 -12.94 -12.37 -7.21
N CYS B 127 -12.10 -13.12 -6.48
CA CYS B 127 -12.52 -14.10 -5.46
C CYS B 127 -11.58 -14.04 -4.29
N SER B 128 -12.15 -13.84 -3.09
CA SER B 128 -11.39 -13.76 -1.89
C SER B 128 -10.95 -15.15 -1.42
N PRO B 129 -9.92 -15.21 -0.59
CA PRO B 129 -9.76 -16.42 0.20
C PRO B 129 -10.92 -16.61 1.20
N ALA B 130 -10.89 -17.75 1.89
CA ALA B 130 -11.91 -18.05 2.90
C ALA B 130 -11.81 -17.03 4.00
N VAL B 131 -12.91 -16.39 4.29
CA VAL B 131 -13.02 -15.38 5.32
C VAL B 131 -14.07 -15.79 6.35
N CYS B 132 -13.85 -15.40 7.58
CA CYS B 132 -14.72 -15.87 8.68
C CYS B 132 -15.94 -15.00 8.90
N MET B 133 -17.06 -15.65 9.18
CA MET B 133 -18.31 -14.98 9.38
C MET B 133 -18.49 -14.38 10.78
N ASP B 134 -18.20 -15.16 11.83
CA ASP B 134 -18.37 -14.67 13.18
C ASP B 134 -17.46 -15.51 14.11
N PRO B 135 -16.13 -15.22 14.14
CA PRO B 135 -15.15 -16.18 14.60
C PRO B 135 -15.15 -16.43 16.10
N GLY B 136 -15.76 -15.53 16.92
CA GLY B 136 -15.99 -15.79 18.33
C GLY B 136 -17.11 -16.78 18.62
N LEU B 137 -17.96 -17.02 17.61
CA LEU B 137 -19.12 -17.89 17.75
C LEU B 137 -18.97 -19.19 16.99
N SER B 138 -18.62 -19.10 15.73
CA SER B 138 -18.65 -20.23 14.79
C SER B 138 -17.36 -20.36 14.03
N ASN B 139 -17.20 -21.50 13.35
CA ASN B 139 -16.13 -21.68 12.37
C ASN B 139 -16.55 -21.33 10.95
N CYS B 140 -17.73 -20.74 10.76
CA CYS B 140 -18.27 -20.54 9.43
C CYS B 140 -17.41 -19.60 8.61
N THR B 141 -17.16 -20.00 7.36
CA THR B 141 -16.44 -19.21 6.38
C THR B 141 -17.13 -19.13 5.03
N ILE B 142 -16.80 -18.08 4.25
CA ILE B 142 -17.28 -17.92 2.91
C ILE B 142 -16.19 -17.39 2.04
N HIS B 143 -16.42 -17.49 0.71
CA HIS B 143 -15.65 -16.71 -0.26
C HIS B 143 -16.47 -15.56 -0.68
N ILE B 144 -15.89 -14.36 -0.66
CA ILE B 144 -16.57 -13.20 -1.19
C ILE B 144 -16.14 -13.11 -2.66
N VAL B 145 -17.14 -13.08 -3.54
CA VAL B 145 -16.89 -13.20 -5.01
C VAL B 145 -17.47 -11.98 -5.66
N THR B 146 -16.60 -11.18 -6.27
CA THR B 146 -17.03 -9.94 -6.88
C THR B 146 -17.36 -10.31 -8.32
N VAL B 147 -18.54 -9.91 -8.76
CA VAL B 147 -19.05 -10.30 -10.06
C VAL B 147 -19.70 -9.08 -10.72
N THR B 148 -19.40 -8.83 -12.00
CA THR B 148 -20.02 -7.73 -12.74
C THR B 148 -21.14 -8.31 -13.54
N ILE B 149 -22.20 -7.54 -13.67
CA ILE B 149 -23.34 -7.93 -14.46
C ILE B 149 -23.52 -6.92 -15.60
N ASN B 150 -23.35 -7.42 -16.83
CA ASN B 150 -23.54 -6.56 -17.97
C ASN B 150 -25.02 -6.46 -18.17
N GLY B 151 -25.59 -5.39 -17.61
CA GLY B 151 -27.00 -5.18 -17.59
C GLY B 151 -27.63 -4.76 -18.92
N ASP B 152 -26.81 -4.52 -19.94
CA ASP B 152 -27.24 -4.15 -21.27
C ASP B 152 -27.41 -5.36 -22.18
N ASP B 153 -26.96 -6.52 -21.71
CA ASP B 153 -26.94 -7.78 -22.46
C ASP B 153 -28.34 -8.37 -22.45
N ALA B 154 -28.70 -8.98 -23.57
CA ALA B 154 -30.01 -9.58 -23.75
C ALA B 154 -30.32 -10.60 -22.62
N GLU B 155 -29.35 -11.42 -22.23
CA GLU B 155 -29.58 -12.44 -21.21
C GLU B 155 -29.96 -11.87 -19.82
N ASN B 156 -29.72 -10.57 -19.61
CA ASN B 156 -30.02 -9.87 -18.37
C ASN B 156 -31.14 -8.85 -18.50
N ALA B 157 -31.81 -8.79 -19.66
CA ALA B 157 -32.90 -7.84 -19.86
C ALA B 157 -34.10 -8.16 -18.98
N ARG B 158 -34.37 -9.45 -18.80
CA ARG B 158 -35.50 -9.96 -17.99
C ARG B 158 -34.94 -11.00 -17.02
N PRO B 159 -34.26 -10.52 -15.96
CA PRO B 159 -33.60 -11.47 -15.10
C PRO B 159 -34.64 -12.41 -14.45
N LYS B 160 -34.43 -13.73 -14.60
CA LYS B 160 -35.40 -14.76 -14.15
C LYS B 160 -35.00 -15.49 -12.83
N PRO B 161 -35.35 -14.92 -11.65
CA PRO B 161 -34.85 -15.55 -10.39
C PRO B 161 -35.45 -16.96 -10.13
N LYS B 162 -34.61 -18.02 -10.17
CA LYS B 162 -35.06 -19.42 -10.01
C LYS B 162 -34.87 -19.99 -8.59
N PRO B 163 -35.81 -19.74 -7.66
CA PRO B 163 -35.70 -20.32 -6.30
C PRO B 163 -35.51 -21.86 -6.24
N GLY B 164 -34.79 -22.34 -5.21
CA GLY B 164 -34.89 -23.75 -4.77
C GLY B 164 -36.18 -23.92 -3.97
N ASP B 165 -36.39 -25.09 -3.37
CA ASP B 165 -37.58 -25.28 -2.49
C ASP B 165 -37.41 -24.46 -1.22
N GLY B 166 -38.47 -23.73 -0.85
CA GLY B 166 -38.49 -22.87 0.34
C GLY B 166 -37.80 -21.50 0.26
N GLU B 167 -37.19 -21.14 -0.87
CA GLU B 167 -36.52 -19.84 -0.99
C GLU B 167 -37.49 -18.79 -1.55
N PHE B 168 -37.46 -17.59 -0.97
CA PHE B 168 -38.42 -16.54 -1.24
C PHE B 168 -37.71 -15.19 -1.15
N VAL B 169 -37.18 -14.77 -2.30
CA VAL B 169 -36.14 -13.74 -2.39
C VAL B 169 -36.62 -12.56 -3.24
N GLU B 170 -36.62 -11.35 -2.68
CA GLU B 170 -36.85 -10.13 -3.44
C GLU B 170 -35.49 -9.62 -3.82
N VAL B 171 -35.46 -8.85 -4.91
CA VAL B 171 -34.23 -8.28 -5.41
C VAL B 171 -34.32 -6.77 -5.19
N ILE B 172 -33.28 -6.20 -4.59
CA ILE B 172 -33.23 -4.75 -4.35
C ILE B 172 -31.85 -4.30 -4.89
N SER B 173 -31.85 -3.52 -5.99
CA SER B 173 -30.64 -2.95 -6.60
C SER B 173 -30.52 -1.56 -6.15
N LEU B 174 -29.36 -1.22 -5.59
CA LEU B 174 -29.17 0.11 -5.06
C LEU B 174 -27.98 0.75 -5.67
N PRO B 175 -28.05 2.09 -5.93
CA PRO B 175 -26.89 2.73 -6.55
C PRO B 175 -25.65 2.62 -5.66
N LYS B 176 -24.53 2.18 -6.25
CA LYS B 176 -23.27 2.04 -5.56
C LYS B 176 -22.82 3.40 -4.93
N ASN B 177 -23.03 4.50 -5.67
CA ASN B 177 -22.60 5.84 -5.18
C ASN B 177 -23.31 6.43 -3.94
N ASP B 178 -24.46 5.90 -3.56
CA ASP B 178 -25.24 6.41 -2.42
C ASP B 178 -25.61 5.22 -1.51
N LEU B 179 -24.81 4.15 -1.51
CA LEU B 179 -25.28 2.83 -0.99
C LEU B 179 -25.63 2.92 0.49
N LEU B 180 -24.74 3.52 1.29
CA LEU B 180 -24.97 3.55 2.72
C LEU B 180 -26.23 4.38 3.08
N GLN B 181 -26.39 5.56 2.48
CA GLN B 181 -27.61 6.41 2.68
C GLN B 181 -28.87 5.66 2.28
N ARG B 182 -28.82 4.95 1.15
CA ARG B 182 -29.98 4.15 0.72
C ARG B 182 -30.27 2.97 1.62
N LEU B 183 -29.24 2.34 2.17
CA LEU B 183 -29.48 1.26 3.10
C LEU B 183 -30.10 1.76 4.40
N ASP B 184 -29.57 2.86 4.91
CA ASP B 184 -30.13 3.53 6.11
C ASP B 184 -31.60 3.91 5.89
N ALA B 185 -31.94 4.39 4.69
CA ALA B 185 -33.33 4.76 4.41
C ALA B 185 -34.25 3.54 4.51
N LEU B 186 -33.75 2.38 4.07
CA LEU B 186 -34.57 1.19 4.11
C LEU B 186 -34.80 0.72 5.53
N VAL B 187 -33.75 0.73 6.36
CA VAL B 187 -33.85 0.39 7.78
C VAL B 187 -34.85 1.31 8.49
N ALA B 188 -34.72 2.61 8.28
CA ALA B 188 -35.61 3.61 8.88
C ALA B 188 -37.05 3.40 8.48
N GLU B 189 -37.30 3.20 7.19
CA GLU B 189 -38.67 3.11 6.70
C GLU B 189 -39.34 1.74 6.91
N GLU B 190 -38.58 0.65 7.01
CA GLU B 190 -39.13 -0.70 6.71
C GLU B 190 -39.01 -1.79 7.76
N HIS B 191 -38.29 -1.53 8.87
CA HIS B 191 -37.91 -2.57 9.86
C HIS B 191 -37.29 -3.84 9.23
N LEU B 192 -36.18 -3.59 8.55
CA LEU B 192 -35.30 -4.56 7.97
C LEU B 192 -33.95 -4.52 8.74
N THR B 193 -33.24 -5.63 8.75
CA THR B 193 -31.84 -5.66 9.21
C THR B 193 -30.92 -5.82 8.01
N VAL B 194 -29.98 -4.89 7.88
CA VAL B 194 -28.92 -4.99 6.93
C VAL B 194 -27.82 -5.90 7.44
N ASP B 195 -27.24 -6.74 6.55
CA ASP B 195 -26.16 -7.63 6.80
C ASP B 195 -24.84 -6.95 7.11
N ALA B 196 -24.04 -7.51 8.00
CA ALA B 196 -22.82 -6.80 8.49
C ALA B 196 -21.78 -6.60 7.38
N ARG B 197 -21.70 -7.54 6.43
CA ARG B 197 -20.75 -7.43 5.36
C ARG B 197 -21.26 -6.43 4.35
N VAL B 198 -22.56 -6.39 4.10
CA VAL B 198 -23.17 -5.38 3.21
C VAL B 198 -22.92 -3.97 3.81
N TYR B 199 -23.20 -3.82 5.12
CA TYR B 199 -22.99 -2.53 5.76
C TYR B 199 -21.51 -2.12 5.74
N SER B 200 -20.61 -3.06 5.96
CA SER B 200 -19.19 -2.77 5.97
C SER B 200 -18.70 -2.26 4.64
N TYR B 201 -19.22 -2.89 3.59
CA TYR B 201 -18.91 -2.54 2.19
C TYR B 201 -19.44 -1.15 1.90
N ALA B 202 -20.70 -0.88 2.24
CA ALA B 202 -21.31 0.45 2.11
C ALA B 202 -20.58 1.54 2.86
N LEU B 203 -20.10 1.20 4.07
CA LEU B 203 -19.28 2.15 4.86
C LEU B 203 -18.01 2.54 4.22
N ALA B 204 -17.24 1.54 3.79
CA ALA B 204 -15.96 1.75 3.07
C ALA B 204 -16.11 2.54 1.76
N LEU B 205 -17.21 2.32 1.02
CA LEU B 205 -17.54 3.19 -0.17
C LEU B 205 -17.58 4.67 0.19
N LYS B 206 -18.25 5.03 1.28
CA LYS B 206 -18.28 6.40 1.77
C LYS B 206 -16.92 6.86 2.33
N HIS B 207 -16.22 5.97 3.02
CA HIS B 207 -14.93 6.32 3.66
C HIS B 207 -13.73 6.46 2.70
N ALA B 208 -13.84 5.91 1.49
CA ALA B 208 -12.69 5.84 0.60
C ALA B 208 -12.19 7.24 0.26
N ASN B 209 -10.87 7.31 0.09
CA ASN B 209 -10.11 8.47 -0.41
C ASN B 209 -9.71 9.39 0.73
N GLN C 16 4.95 22.89 7.23
CA GLN C 16 5.60 23.47 6.01
C GLN C 16 4.76 23.12 4.77
N TYR C 17 4.52 24.08 3.88
CA TYR C 17 3.63 23.86 2.72
C TYR C 17 3.68 24.99 1.67
N ILE C 18 3.37 24.62 0.42
CA ILE C 18 3.33 25.55 -0.69
C ILE C 18 2.13 26.51 -0.58
N ILE C 19 2.41 27.81 -0.63
CA ILE C 19 1.38 28.87 -0.55
C ILE C 19 0.94 29.28 -1.97
N SER C 20 1.89 29.45 -2.90
CA SER C 20 1.57 29.48 -4.34
C SER C 20 2.78 29.17 -5.23
N GLU C 21 2.46 28.75 -6.46
CA GLU C 21 3.43 28.43 -7.51
C GLU C 21 3.60 29.67 -8.37
N GLU C 22 4.67 30.42 -8.10
CA GLU C 22 4.95 31.71 -8.76
C GLU C 22 5.78 31.52 -10.04
N LEU C 23 5.10 31.53 -11.18
CA LEU C 23 5.73 31.27 -12.50
C LEU C 23 6.72 32.35 -12.98
N ILE C 24 7.97 31.95 -13.26
CA ILE C 24 9.03 32.83 -13.74
C ILE C 24 9.31 32.73 -15.26
N SER C 25 9.18 31.53 -15.86
CA SER C 25 9.33 31.34 -17.32
C SER C 25 8.94 29.92 -17.78
N GLU C 26 8.45 29.75 -19.01
CA GLU C 26 7.91 28.46 -19.48
C GLU C 26 8.37 28.11 -20.89
N GLY C 27 9.11 27.01 -21.01
CA GLY C 27 9.62 26.54 -22.27
C GLY C 27 8.69 25.46 -22.75
N LYS C 28 8.93 24.95 -23.96
CA LYS C 28 8.18 23.81 -24.48
C LYS C 28 8.37 22.53 -23.66
N TRP C 29 9.44 22.45 -22.84
CA TRP C 29 9.80 21.25 -22.04
C TRP C 29 10.02 21.44 -20.55
N VAL C 30 10.54 22.58 -20.15
CA VAL C 30 10.79 22.90 -18.73
C VAL C 30 10.24 24.30 -18.45
N LYS C 31 10.04 24.60 -17.18
CA LYS C 31 9.52 25.88 -16.72
C LYS C 31 10.16 26.14 -15.38
N LEU C 32 10.24 27.41 -14.99
CA LEU C 32 10.90 27.81 -13.75
C LEU C 32 9.95 28.67 -12.92
N GLU C 33 9.82 28.37 -11.62
CA GLU C 33 8.89 29.02 -10.71
C GLU C 33 9.56 29.28 -9.36
N LYS C 34 8.91 30.03 -8.45
CA LYS C 34 9.34 30.13 -7.02
C LYS C 34 8.18 29.96 -6.03
N THR C 35 8.53 29.64 -4.79
CA THR C 35 7.63 28.92 -3.88
C THR C 35 7.87 29.22 -2.40
N THR C 36 6.78 29.55 -1.69
CA THR C 36 6.87 30.10 -0.32
C THR C 36 6.54 29.04 0.75
N TYR C 37 7.28 29.02 1.86
CA TYR C 37 7.34 27.83 2.74
C TYR C 37 7.51 28.14 4.28
N MET C 38 6.58 27.70 5.12
CA MET C 38 6.44 28.26 6.48
C MET C 38 7.11 27.44 7.59
N ASP C 39 8.45 27.51 7.69
CA ASP C 39 9.29 26.51 8.41
C ASP C 39 8.95 26.11 9.84
N PRO C 40 9.67 25.10 10.36
CA PRO C 40 9.60 24.34 11.60
C PRO C 40 9.59 25.19 12.88
N THR C 41 10.56 26.10 13.03
CA THR C 41 10.60 27.03 14.18
C THR C 41 9.67 28.28 14.01
N GLY C 42 8.91 28.35 12.91
CA GLY C 42 7.76 29.27 12.77
C GLY C 42 7.87 30.38 11.71
N LYS C 43 9.10 30.65 11.24
CA LYS C 43 9.33 31.70 10.24
C LYS C 43 8.85 31.33 8.83
N THR C 44 8.36 32.34 8.10
CA THR C 44 8.14 32.24 6.64
C THR C 44 9.49 32.40 5.86
N ARG C 45 9.66 31.67 4.74
CA ARG C 45 10.90 31.70 3.87
C ARG C 45 10.57 31.45 2.35
N THR C 46 11.58 31.21 1.48
CA THR C 46 11.33 31.08 0.01
C THR C 46 12.43 30.32 -0.84
N TRP C 47 12.13 30.12 -2.16
CA TRP C 47 12.89 29.13 -3.03
C TRP C 47 12.60 29.24 -4.53
N GLU C 48 13.58 28.97 -5.40
CA GLU C 48 13.36 28.91 -6.87
C GLU C 48 13.23 27.42 -7.32
N SER C 49 12.31 27.13 -8.26
CA SER C 49 11.89 25.75 -8.55
C SER C 49 11.79 25.45 -10.04
N VAL C 50 12.09 24.20 -10.38
CA VAL C 50 12.02 23.75 -11.77
C VAL C 50 10.96 22.65 -11.94
N LYS C 51 10.32 22.62 -13.11
CA LYS C 51 9.34 21.60 -13.44
C LYS C 51 9.24 21.37 -14.94
N ARG C 52 9.03 20.11 -15.32
CA ARG C 52 8.79 19.77 -16.70
C ARG C 52 7.37 20.17 -17.04
N THR C 53 7.14 20.48 -18.31
CA THR C 53 5.81 20.82 -18.82
C THR C 53 5.05 19.60 -19.38
N THR C 54 5.63 18.40 -19.24
CA THR C 54 5.20 17.18 -19.91
C THR C 54 4.49 16.17 -18.97
N ARG C 55 4.37 16.48 -17.68
CA ARG C 55 3.83 15.55 -16.68
C ARG C 55 2.29 15.64 -16.54
N LYS C 56 1.68 14.52 -16.15
CA LYS C 56 0.24 14.42 -15.83
C LYS C 56 0.05 14.07 -14.35
N GLN C 58 0.47 10.96 -14.80
CA GLN C 58 1.63 10.14 -14.57
C GLN C 58 1.94 10.03 -13.07
N THR C 59 2.47 8.87 -12.67
CA THR C 59 3.02 8.59 -11.33
C THR C 59 4.44 9.19 -11.10
N ALA C 60 5.09 9.50 -12.21
CA ALA C 60 6.37 10.15 -12.23
C ALA C 60 6.59 10.73 -13.60
N ASP C 61 7.59 11.58 -13.72
CA ASP C 61 8.04 12.02 -15.01
C ASP C 61 8.48 10.85 -15.87
N GLY C 62 9.33 10.01 -15.31
CA GLY C 62 10.01 9.01 -16.13
C GLY C 62 10.36 7.75 -15.37
N VAL C 63 11.15 6.89 -16.01
CA VAL C 63 11.67 5.73 -15.34
C VAL C 63 13.17 5.60 -15.68
N ALA C 64 13.91 4.96 -14.78
CA ALA C 64 15.29 4.47 -15.01
C ALA C 64 15.32 2.98 -14.84
N VAL C 65 16.05 2.28 -15.73
CA VAL C 65 16.03 0.84 -15.72
C VAL C 65 17.40 0.31 -15.28
N ILE C 66 17.40 -0.59 -14.30
CA ILE C 66 18.60 -1.29 -13.85
C ILE C 66 18.54 -2.64 -14.58
N PRO C 67 19.29 -2.78 -15.70
CA PRO C 67 19.10 -3.93 -16.54
C PRO C 67 20.22 -4.95 -16.25
N VAL C 68 19.83 -6.07 -15.69
CA VAL C 68 20.83 -7.04 -15.23
C VAL C 68 20.84 -8.13 -16.28
N LEU C 69 21.94 -8.16 -17.00
CA LEU C 69 22.14 -9.14 -18.10
C LEU C 69 22.66 -10.45 -17.54
N GLN C 70 21.86 -11.49 -17.67
CA GLN C 70 22.02 -12.79 -17.08
C GLN C 70 22.28 -13.82 -18.14
N ARG C 71 23.36 -14.58 -17.97
CA ARG C 71 23.83 -15.56 -19.00
C ARG C 71 24.40 -16.78 -18.31
N THR C 72 24.21 -17.98 -18.89
CA THR C 72 24.59 -19.20 -18.20
C THR C 72 26.09 -19.22 -17.92
N LEU C 73 26.86 -18.70 -18.87
CA LEU C 73 28.30 -18.83 -18.83
C LEU C 73 29.05 -17.68 -18.15
N HIS C 74 28.33 -16.66 -17.65
CA HIS C 74 29.01 -15.46 -17.30
C HIS C 74 28.51 -14.94 -15.94
N TYR C 75 29.35 -14.17 -15.30
CA TYR C 75 28.82 -13.29 -14.25
C TYR C 75 27.84 -12.27 -14.85
N GLU C 76 27.00 -11.70 -13.99
CA GLU C 76 25.99 -10.74 -14.45
C GLU C 76 26.65 -9.45 -14.87
N CYS C 77 26.07 -8.81 -15.90
CA CYS C 77 26.45 -7.49 -16.26
C CYS C 77 25.33 -6.51 -16.02
N ILE C 78 25.72 -5.26 -15.87
CA ILE C 78 24.73 -4.16 -15.75
C ILE C 78 24.84 -3.43 -17.10
N VAL C 79 23.71 -3.31 -17.80
CA VAL C 79 23.69 -2.62 -19.10
C VAL C 79 23.47 -1.13 -18.89
N LEU C 80 24.37 -0.30 -19.38
CA LEU C 80 24.35 1.15 -19.25
C LEU C 80 24.32 1.77 -20.64
N VAL C 81 24.01 3.05 -20.69
CA VAL C 81 24.02 3.81 -21.97
C VAL C 81 24.82 5.05 -21.88
N LYS C 82 25.51 5.38 -22.97
CA LYS C 82 26.29 6.57 -23.01
C LYS C 82 25.65 7.42 -24.11
N GLN C 83 25.46 8.70 -23.80
CA GLN C 83 24.88 9.68 -24.77
C GLN C 83 25.37 11.04 -24.48
N PHE C 84 25.37 11.87 -25.54
CA PHE C 84 25.59 13.30 -25.37
C PHE C 84 24.37 13.92 -24.70
N ARG C 85 24.60 14.68 -23.66
CA ARG C 85 23.54 15.37 -22.93
C ARG C 85 23.79 16.88 -23.05
N PRO C 86 22.89 17.58 -23.77
CA PRO C 86 23.11 19.04 -23.96
C PRO C 86 23.30 19.87 -22.70
N PRO C 87 22.51 19.60 -21.63
CA PRO C 87 22.77 20.33 -20.42
C PRO C 87 24.18 20.19 -19.90
N MET C 88 24.75 18.99 -20.01
CA MET C 88 26.06 18.73 -19.46
C MET C 88 27.20 19.19 -20.41
N GLY C 89 26.86 19.52 -21.65
CA GLY C 89 27.84 19.76 -22.72
C GLY C 89 28.80 18.61 -23.00
N GLY C 90 28.38 17.38 -22.71
CA GLY C 90 29.28 16.25 -22.89
C GLY C 90 28.56 14.95 -22.67
N TYR C 91 29.31 13.89 -22.68
CA TYR C 91 28.73 12.57 -22.67
C TYR C 91 28.61 12.10 -21.28
N CYS C 92 27.56 11.31 -21.03
CA CYS C 92 27.25 10.76 -19.72
C CYS C 92 26.96 9.30 -19.81
N ILE C 93 27.28 8.54 -18.76
CA ILE C 93 26.95 7.14 -18.68
C ILE C 93 25.84 6.98 -17.60
N GLU C 94 24.76 6.37 -18.02
CA GLU C 94 23.47 6.36 -17.26
C GLU C 94 22.84 5.00 -17.36
N PHE C 95 21.84 4.76 -16.49
CA PHE C 95 20.88 3.69 -16.72
C PHE C 95 20.00 4.07 -17.90
N PRO C 96 19.59 3.08 -18.73
CA PRO C 96 18.56 3.38 -19.73
C PRO C 96 17.34 4.02 -19.01
N ALA C 97 16.78 5.03 -19.65
CA ALA C 97 15.81 5.90 -19.01
C ALA C 97 14.99 6.71 -20.01
N GLY C 98 13.77 7.05 -19.62
CA GLY C 98 12.98 7.97 -20.48
C GLY C 98 11.70 8.37 -19.77
N LEU C 99 10.99 9.32 -20.35
CA LEU C 99 9.71 9.73 -19.79
C LEU C 99 8.66 8.67 -20.04
N ILE C 100 7.72 8.59 -19.11
CA ILE C 100 6.54 7.74 -19.21
C ILE C 100 5.51 8.39 -20.12
N ASP C 101 5.07 7.67 -21.14
CA ASP C 101 4.04 8.17 -22.05
C ASP C 101 2.67 8.24 -21.37
N ASP C 102 1.76 9.00 -21.99
CA ASP C 102 0.34 9.08 -21.58
C ASP C 102 -0.36 7.71 -21.59
N GLY C 103 -0.89 7.30 -20.43
CA GLY C 103 -1.62 6.03 -20.31
C GLY C 103 -0.73 4.87 -19.88
N GLU C 104 0.59 5.03 -20.08
CA GLU C 104 1.57 3.97 -19.93
C GLU C 104 1.83 3.74 -18.46
N THR C 105 1.93 2.48 -18.09
CA THR C 105 2.41 2.10 -16.78
C THR C 105 3.99 2.29 -16.73
N PRO C 106 4.56 2.49 -15.53
CA PRO C 106 6.01 2.60 -15.45
C PRO C 106 6.71 1.33 -15.99
N GLU C 107 6.15 0.16 -15.68
CA GLU C 107 6.77 -1.10 -16.08
C GLU C 107 6.86 -1.20 -17.59
N ALA C 108 5.85 -0.71 -18.31
CA ALA C 108 5.78 -0.86 -19.75
C ALA C 108 6.77 0.15 -20.36
N ALA C 109 6.79 1.34 -19.76
CA ALA C 109 7.73 2.38 -20.12
C ALA C 109 9.19 1.84 -19.96
N ALA C 110 9.48 1.23 -18.83
CA ALA C 110 10.78 0.60 -18.57
C ALA C 110 11.22 -0.47 -19.61
N LEU C 111 10.34 -1.42 -19.91
CA LEU C 111 10.64 -2.45 -20.93
C LEU C 111 10.74 -1.78 -22.33
N ARG C 112 9.90 -0.78 -22.59
CA ARG C 112 9.99 -0.12 -23.86
C ARG C 112 11.29 0.71 -23.95
N GLU C 113 11.59 1.48 -22.93
CA GLU C 113 12.81 2.34 -23.00
C GLU C 113 14.10 1.50 -23.02
N LEU C 114 14.06 0.39 -22.28
CA LEU C 114 15.13 -0.57 -22.41
C LEU C 114 15.28 -1.11 -23.82
N GLU C 115 14.19 -1.61 -24.43
CA GLU C 115 14.28 -2.15 -25.78
C GLU C 115 14.76 -1.06 -26.77
N GLU C 116 14.18 0.12 -26.65
CA GLU C 116 14.54 1.25 -27.50
C GLU C 116 16.02 1.68 -27.47
N GLU C 117 16.56 1.79 -26.26
CA GLU C 117 17.87 2.34 -26.06
C GLU C 117 18.99 1.29 -26.12
N THR C 118 18.64 0.01 -25.94
CA THR C 118 19.65 -1.05 -25.90
C THR C 118 19.41 -2.22 -26.84
N GLY C 119 18.16 -2.45 -27.27
CA GLY C 119 17.73 -3.64 -28.05
C GLY C 119 17.35 -4.86 -27.25
N TYR C 120 17.64 -4.86 -25.93
CA TYR C 120 17.30 -5.93 -25.10
C TYR C 120 15.83 -6.03 -24.79
N LYS C 121 15.33 -7.24 -24.86
CA LYS C 121 14.05 -7.61 -24.30
C LYS C 121 14.20 -8.16 -22.89
N GLY C 122 13.59 -7.51 -21.90
CA GLY C 122 13.72 -7.93 -20.52
C GLY C 122 12.42 -8.24 -19.84
N ASP C 123 12.58 -8.67 -18.60
CA ASP C 123 11.48 -9.08 -17.73
C ASP C 123 11.56 -8.21 -16.47
N ILE C 124 10.40 -7.69 -16.03
CA ILE C 124 10.39 -6.89 -14.81
C ILE C 124 10.75 -7.72 -13.60
N ALA C 125 11.67 -7.25 -12.77
CA ALA C 125 11.96 -7.88 -11.49
C ALA C 125 11.26 -7.13 -10.33
N GLU C 126 11.33 -5.82 -10.36
CA GLU C 126 10.87 -5.01 -9.23
C GLU C 126 10.75 -3.56 -9.72
N CYS C 127 9.91 -2.78 -9.03
CA CYS C 127 9.67 -1.41 -9.43
C CYS C 127 9.66 -0.60 -8.16
N SER C 128 10.42 0.49 -8.14
CA SER C 128 10.46 1.37 -6.97
C SER C 128 9.13 2.16 -6.95
N PRO C 129 8.82 2.77 -5.82
CA PRO C 129 7.87 3.88 -5.86
C PRO C 129 8.45 5.14 -6.58
N ALA C 130 7.65 6.19 -6.79
CA ALA C 130 8.20 7.41 -7.40
C ALA C 130 9.26 8.00 -6.52
N VAL C 131 10.46 8.25 -7.09
CA VAL C 131 11.64 8.77 -6.34
C VAL C 131 12.15 10.04 -7.04
N CYS C 132 12.63 11.02 -6.25
CA CYS C 132 13.01 12.32 -6.76
C CYS C 132 14.46 12.36 -7.27
N MET C 133 14.61 13.12 -8.34
CA MET C 133 15.92 13.25 -9.01
C MET C 133 16.85 14.26 -8.35
N ASP C 134 16.33 15.41 -7.91
CA ASP C 134 17.20 16.50 -7.40
C ASP C 134 16.23 17.48 -6.74
N PRO C 135 15.83 17.16 -5.49
CA PRO C 135 14.61 17.79 -4.94
C PRO C 135 14.79 19.26 -4.48
N GLY C 136 16.06 19.66 -4.28
CA GLY C 136 16.51 21.05 -4.17
C GLY C 136 16.26 21.93 -5.39
N LEU C 137 16.02 21.34 -6.56
CA LEU C 137 15.87 22.08 -7.81
C LEU C 137 14.52 21.91 -8.52
N SER C 138 14.09 20.64 -8.60
CA SER C 138 13.06 20.21 -9.50
C SER C 138 12.06 19.35 -8.73
N ASN C 139 10.85 19.25 -9.28
CA ASN C 139 9.83 18.29 -8.83
C ASN C 139 9.98 16.97 -9.59
N CYS C 140 11.07 16.82 -10.34
CA CYS C 140 11.24 15.69 -11.24
C CYS C 140 11.30 14.39 -10.45
N THR C 141 10.48 13.41 -10.89
CA THR C 141 10.50 12.06 -10.27
C THR C 141 10.61 10.97 -11.36
N ILE C 142 11.09 9.83 -10.92
CA ILE C 142 11.09 8.60 -11.70
C ILE C 142 10.74 7.35 -10.85
N HIS C 143 10.40 6.25 -11.53
CA HIS C 143 10.50 4.92 -10.93
C HIS C 143 11.80 4.24 -11.42
N ILE C 144 12.50 3.63 -10.52
CA ILE C 144 13.65 2.76 -10.82
C ILE C 144 13.16 1.34 -10.89
N VAL C 145 13.24 0.79 -12.09
CA VAL C 145 12.70 -0.51 -12.38
C VAL C 145 13.85 -1.50 -12.63
N THR C 146 13.93 -2.53 -11.82
CA THR C 146 14.98 -3.57 -12.01
C THR C 146 14.45 -4.53 -13.07
N VAL C 147 15.26 -4.85 -14.10
CA VAL C 147 14.81 -5.66 -15.21
C VAL C 147 15.90 -6.68 -15.44
N THR C 148 15.55 -7.94 -15.49
CA THR C 148 16.49 -9.01 -15.89
C THR C 148 16.39 -9.21 -17.38
N ILE C 149 17.53 -9.50 -18.00
CA ILE C 149 17.57 -9.79 -19.41
C ILE C 149 18.18 -11.18 -19.58
N ASN C 150 17.43 -12.12 -20.20
CA ASN C 150 17.97 -13.44 -20.51
C ASN C 150 18.85 -13.26 -21.74
N GLY C 151 20.15 -13.16 -21.50
CA GLY C 151 21.17 -13.02 -22.51
C GLY C 151 21.45 -14.23 -23.37
N ASP C 152 20.96 -15.38 -22.96
CA ASP C 152 21.12 -16.63 -23.73
C ASP C 152 19.94 -16.87 -24.68
N ASP C 153 18.87 -16.09 -24.56
CA ASP C 153 17.70 -16.31 -25.39
C ASP C 153 18.03 -15.82 -26.78
N ALA C 154 17.62 -16.61 -27.78
CA ALA C 154 17.83 -16.26 -29.17
C ALA C 154 17.28 -14.86 -29.50
N GLU C 155 16.13 -14.51 -28.89
CA GLU C 155 15.59 -13.16 -29.07
C GLU C 155 16.56 -12.06 -28.62
N ASN C 156 17.49 -12.32 -27.67
CA ASN C 156 18.50 -11.32 -27.29
C ASN C 156 19.90 -11.50 -27.91
N ALA C 157 19.99 -12.27 -29.00
CA ALA C 157 21.30 -12.59 -29.58
C ALA C 157 21.99 -11.38 -30.23
N ARG C 158 21.24 -10.56 -30.95
CA ARG C 158 21.84 -9.43 -31.64
C ARG C 158 21.04 -8.17 -31.30
N PRO C 159 21.15 -7.68 -30.04
CA PRO C 159 20.38 -6.49 -29.66
C PRO C 159 20.65 -5.28 -30.55
N LYS C 160 19.59 -4.65 -31.12
CA LYS C 160 19.74 -3.40 -31.89
C LYS C 160 18.93 -2.27 -31.27
N PRO C 161 19.61 -1.25 -30.72
CA PRO C 161 18.82 -0.15 -30.28
C PRO C 161 17.90 0.30 -31.44
N LYS C 162 16.69 0.70 -31.12
CA LYS C 162 15.79 1.36 -32.09
C LYS C 162 15.56 2.71 -31.46
N PRO C 163 16.59 3.56 -31.51
CA PRO C 163 16.44 4.86 -30.91
C PRO C 163 15.62 5.71 -31.88
N GLY C 164 14.85 6.62 -31.30
CA GLY C 164 14.06 7.54 -32.08
C GLY C 164 14.90 8.64 -32.68
N ASP C 165 14.19 9.46 -33.43
CA ASP C 165 14.65 10.74 -33.94
C ASP C 165 15.32 11.63 -32.87
N GLY C 166 16.59 11.98 -33.09
CA GLY C 166 17.32 12.79 -32.12
C GLY C 166 17.92 12.07 -30.91
N GLU C 167 17.58 10.79 -30.67
CA GLU C 167 18.27 9.99 -29.65
C GLU C 167 19.44 9.20 -30.31
N PHE C 168 20.63 9.30 -29.71
CA PHE C 168 21.83 8.63 -30.22
C PHE C 168 22.44 8.01 -28.99
N VAL C 169 22.46 6.68 -28.96
CA VAL C 169 22.79 5.95 -27.74
C VAL C 169 23.81 4.88 -28.04
N GLU C 170 24.80 4.75 -27.14
CA GLU C 170 25.80 3.68 -27.19
C GLU C 170 25.62 2.81 -25.95
N VAL C 171 25.67 1.51 -26.14
CA VAL C 171 25.40 0.56 -25.06
C VAL C 171 26.76 0.10 -24.54
N ILE C 172 26.91 0.09 -23.22
CA ILE C 172 28.10 -0.35 -22.51
C ILE C 172 27.63 -1.29 -21.39
N SER C 173 27.93 -2.57 -21.49
CA SER C 173 27.70 -3.54 -20.40
C SER C 173 28.93 -3.82 -19.56
N LEU C 174 28.77 -3.70 -18.25
CA LEU C 174 29.91 -3.84 -17.33
C LEU C 174 29.59 -4.92 -16.31
N PRO C 175 30.58 -5.69 -15.89
CA PRO C 175 30.35 -6.74 -14.89
C PRO C 175 29.85 -6.16 -13.55
N LYS C 176 28.78 -6.70 -13.02
CA LYS C 176 28.21 -6.20 -11.76
C LYS C 176 29.27 -6.37 -10.64
N ASN C 177 30.00 -7.50 -10.70
CA ASN C 177 31.05 -7.80 -9.66
C ASN C 177 32.34 -6.94 -9.79
N ASP C 178 32.37 -6.02 -10.76
CA ASP C 178 33.48 -5.08 -10.91
C ASP C 178 33.05 -3.69 -11.38
N LEU C 179 31.83 -3.27 -11.00
CA LEU C 179 31.23 -2.12 -11.65
C LEU C 179 31.94 -0.79 -11.43
N LEU C 180 32.32 -0.50 -10.19
CA LEU C 180 32.90 0.78 -9.86
C LEU C 180 34.27 0.92 -10.51
N GLN C 181 35.13 -0.07 -10.35
CA GLN C 181 36.44 0.01 -10.99
C GLN C 181 36.31 0.11 -12.54
N ARG C 182 35.38 -0.65 -13.10
CA ARG C 182 35.13 -0.53 -14.58
C ARG C 182 34.62 0.84 -15.01
N LEU C 183 33.82 1.53 -14.18
CA LEU C 183 33.36 2.88 -14.46
C LEU C 183 34.50 3.90 -14.35
N ASP C 184 35.23 3.83 -13.25
CA ASP C 184 36.48 4.61 -13.08
C ASP C 184 37.44 4.48 -14.30
N ALA C 185 37.58 3.28 -14.85
CA ALA C 185 38.47 3.10 -16.04
C ALA C 185 37.96 3.83 -17.24
N LEU C 186 36.63 3.81 -17.45
CA LEU C 186 36.02 4.60 -18.55
C LEU C 186 36.22 6.08 -18.47
N VAL C 187 36.07 6.60 -17.27
CA VAL C 187 36.23 7.99 -16.93
C VAL C 187 37.71 8.37 -17.16
N ALA C 188 38.65 7.47 -16.91
CA ALA C 188 40.12 7.73 -17.14
C ALA C 188 40.45 7.86 -18.62
N GLU C 189 39.89 6.97 -19.43
CA GLU C 189 40.07 6.98 -20.88
C GLU C 189 39.46 8.21 -21.61
N GLU C 190 38.37 8.77 -21.08
CA GLU C 190 37.54 9.78 -21.79
C GLU C 190 36.99 10.87 -20.87
N HIS C 191 36.70 12.04 -21.43
CA HIS C 191 35.93 13.04 -20.70
C HIS C 191 34.48 12.54 -20.79
N LEU C 192 34.02 11.97 -19.70
CA LEU C 192 32.61 11.61 -19.61
C LEU C 192 32.25 11.59 -18.15
N THR C 193 30.96 11.76 -17.89
CA THR C 193 30.46 11.85 -16.52
C THR C 193 29.55 10.64 -16.24
N VAL C 194 29.73 10.02 -15.08
CA VAL C 194 28.89 8.92 -14.69
C VAL C 194 27.69 9.54 -13.96
N ASP C 195 26.53 9.00 -14.22
CA ASP C 195 25.31 9.35 -13.47
C ASP C 195 25.40 9.02 -11.98
N ALA C 196 24.82 9.92 -11.17
CA ALA C 196 24.82 9.83 -9.72
C ALA C 196 24.08 8.59 -9.25
N ARG C 197 23.02 8.19 -9.94
CA ARG C 197 22.34 6.89 -9.54
C ARG C 197 23.17 5.65 -9.84
N VAL C 198 23.80 5.65 -11.02
CA VAL C 198 24.71 4.57 -11.37
C VAL C 198 25.83 4.41 -10.38
N TYR C 199 26.44 5.54 -9.99
CA TYR C 199 27.58 5.53 -9.15
C TYR C 199 27.24 5.09 -7.73
N SER C 200 26.10 5.55 -7.23
CA SER C 200 25.58 5.15 -5.90
C SER C 200 25.36 3.64 -5.89
N TYR C 201 24.80 3.15 -6.99
CA TYR C 201 24.59 1.70 -7.18
C TYR C 201 25.94 0.93 -7.19
N ALA C 202 26.94 1.39 -7.98
CA ALA C 202 28.28 0.75 -7.96
C ALA C 202 28.95 0.75 -6.59
N LEU C 203 28.77 1.84 -5.88
CA LEU C 203 29.40 1.98 -4.54
C LEU C 203 28.78 0.95 -3.58
N ALA C 204 27.46 0.89 -3.55
CA ALA C 204 26.76 -0.16 -2.75
C ALA C 204 27.14 -1.61 -3.12
N LEU C 205 27.36 -1.92 -4.42
CA LEU C 205 27.83 -3.26 -4.81
C LEU C 205 29.18 -3.55 -4.17
N LYS C 206 30.05 -2.54 -4.10
CA LYS C 206 31.37 -2.66 -3.46
C LYS C 206 31.18 -2.72 -1.92
N HIS C 207 30.32 -1.86 -1.38
CA HIS C 207 30.11 -1.79 0.10
C HIS C 207 29.48 -3.06 0.70
N ALA C 208 28.50 -3.64 0.00
CA ALA C 208 27.85 -4.89 0.46
C ALA C 208 28.78 -6.09 0.35
N LYS D 15 32.53 13.86 -31.89
CA LYS D 15 31.28 13.77 -32.72
C LYS D 15 30.30 14.88 -32.33
N GLN D 16 29.48 14.74 -31.27
CA GLN D 16 28.54 15.82 -30.90
C GLN D 16 29.17 16.98 -30.10
N TYR D 17 28.59 18.18 -30.18
CA TYR D 17 29.11 19.33 -29.43
C TYR D 17 28.15 20.46 -29.23
N ILE D 18 28.46 21.33 -28.25
CA ILE D 18 27.68 22.50 -27.94
C ILE D 18 28.08 23.55 -29.00
N ILE D 19 27.07 24.18 -29.58
CA ILE D 19 27.21 25.27 -30.58
C ILE D 19 27.07 26.64 -29.88
N SER D 20 26.01 26.79 -29.11
CA SER D 20 25.75 27.98 -28.32
C SER D 20 24.80 27.70 -27.18
N GLU D 21 24.75 28.66 -26.26
CA GLU D 21 23.90 28.62 -25.08
C GLU D 21 23.18 29.97 -24.86
N GLU D 22 22.01 30.13 -25.51
CA GLU D 22 21.14 31.33 -25.36
C GLU D 22 20.38 31.32 -24.04
N LEU D 23 20.57 32.34 -23.20
CA LEU D 23 19.80 32.49 -21.96
C LEU D 23 18.33 32.84 -22.27
N ILE D 24 17.40 32.20 -21.55
CA ILE D 24 15.95 32.47 -21.62
C ILE D 24 15.41 33.13 -20.35
N SER D 25 15.95 32.80 -19.17
CA SER D 25 15.55 33.43 -17.89
C SER D 25 16.55 32.99 -16.79
N GLU D 26 16.78 33.85 -15.79
CA GLU D 26 17.81 33.60 -14.73
C GLU D 26 17.42 34.21 -13.37
N GLY D 27 18.37 34.23 -12.44
CA GLY D 27 18.21 34.99 -11.19
C GLY D 27 18.23 34.24 -9.87
N LYS D 28 17.05 33.87 -9.39
CA LYS D 28 16.93 33.24 -8.06
C LYS D 28 17.79 31.97 -7.93
N TRP D 29 19.04 32.06 -8.35
CA TRP D 29 19.99 30.95 -8.21
C TRP D 29 19.80 29.80 -9.21
N VAL D 30 19.02 30.04 -10.27
CA VAL D 30 18.72 29.01 -11.29
C VAL D 30 18.33 29.66 -12.63
N LYS D 31 18.70 29.04 -13.75
CA LYS D 31 18.53 29.66 -15.07
C LYS D 31 18.13 28.66 -16.16
N LEU D 32 17.39 29.15 -17.15
CA LEU D 32 16.95 28.35 -18.28
C LEU D 32 17.61 28.87 -19.55
N GLU D 33 18.21 27.96 -20.32
CA GLU D 33 18.83 28.27 -21.60
C GLU D 33 18.24 27.41 -22.72
N LYS D 34 18.19 27.95 -23.93
CA LYS D 34 18.07 27.13 -25.15
C LYS D 34 19.52 26.79 -25.64
N THR D 35 19.87 25.50 -25.54
CA THR D 35 21.17 24.97 -25.92
C THR D 35 21.04 24.53 -27.36
N THR D 36 21.96 24.97 -28.20
CA THR D 36 22.00 24.55 -29.58
C THR D 36 23.23 23.63 -29.66
N TYR D 37 23.08 22.49 -30.32
CA TYR D 37 24.16 21.51 -30.42
C TYR D 37 24.05 20.78 -31.73
N MET D 38 25.15 20.22 -32.16
CA MET D 38 25.25 19.44 -33.34
C MET D 38 25.09 17.99 -32.99
N ASP D 39 24.14 17.34 -33.64
CA ASP D 39 23.96 15.91 -33.46
C ASP D 39 24.98 15.14 -34.29
N PRO D 40 25.02 13.80 -34.18
CA PRO D 40 26.07 13.07 -34.91
C PRO D 40 25.96 13.07 -36.45
N THR D 41 24.78 13.38 -36.99
CA THR D 41 24.56 13.47 -38.44
C THR D 41 25.18 14.74 -39.06
N GLY D 42 25.38 15.77 -38.24
CA GLY D 42 25.69 17.12 -38.71
C GLY D 42 24.49 18.05 -38.70
N LYS D 43 23.45 17.68 -37.97
CA LYS D 43 22.24 18.47 -37.90
C LYS D 43 22.20 19.26 -36.59
N THR D 44 21.72 20.49 -36.67
CA THR D 44 21.70 21.43 -35.57
C THR D 44 20.41 21.14 -34.86
N ARG D 45 20.50 21.01 -33.54
CA ARG D 45 19.31 20.75 -32.72
C ARG D 45 19.39 21.59 -31.51
N THR D 46 18.26 21.68 -30.82
CA THR D 46 18.13 22.56 -29.67
C THR D 46 17.62 21.74 -28.50
N TRP D 47 17.76 22.28 -27.30
CA TRP D 47 17.45 21.59 -26.07
C TRP D 47 17.28 22.63 -24.97
N GLU D 48 16.20 22.55 -24.18
CA GLU D 48 15.97 23.47 -23.05
C GLU D 48 16.63 22.89 -21.86
N SER D 49 17.45 23.71 -21.20
CA SER D 49 18.42 23.22 -20.22
C SER D 49 18.43 24.14 -19.03
N VAL D 50 18.63 23.54 -17.87
CA VAL D 50 18.59 24.21 -16.60
C VAL D 50 19.99 24.24 -16.01
N LYS D 51 20.43 25.39 -15.52
CA LYS D 51 21.67 25.48 -14.74
C LYS D 51 21.39 26.31 -13.49
N ARG D 52 22.25 26.14 -12.50
CA ARG D 52 22.31 26.94 -11.31
C ARG D 52 23.14 28.20 -11.64
N THR D 53 23.41 29.01 -10.62
CA THR D 53 24.40 30.08 -10.70
C THR D 53 25.18 30.15 -9.38
N THR D 54 26.18 29.28 -9.18
CA THR D 54 26.99 29.29 -7.93
C THR D 54 28.15 28.31 -7.93
N ALA D 60 32.38 20.67 -8.92
CA ALA D 60 30.98 20.27 -8.87
C ALA D 60 30.04 21.31 -8.15
N ASP D 61 28.72 21.28 -8.42
CA ASP D 61 27.77 22.21 -7.74
C ASP D 61 27.67 21.89 -6.24
N GLY D 62 27.69 20.61 -5.87
CA GLY D 62 27.57 20.20 -4.46
C GLY D 62 28.25 18.90 -4.05
N VAL D 63 27.99 18.50 -2.80
CA VAL D 63 28.31 17.17 -2.32
C VAL D 63 26.98 16.56 -1.85
N ALA D 64 26.97 15.24 -1.89
CA ALA D 64 26.03 14.36 -1.13
C ALA D 64 26.91 13.40 -0.39
N VAL D 65 26.51 12.98 0.80
CA VAL D 65 27.34 12.16 1.67
C VAL D 65 26.59 10.85 2.01
N ILE D 66 27.33 9.74 1.95
CA ILE D 66 26.87 8.37 2.31
C ILE D 66 27.52 7.97 3.65
N PRO D 67 26.76 8.16 4.77
CA PRO D 67 27.36 8.04 6.06
C PRO D 67 26.97 6.76 6.84
N VAL D 68 27.99 6.00 7.23
CA VAL D 68 27.97 4.65 7.81
C VAL D 68 28.63 4.38 9.24
N LEU D 69 27.81 4.14 10.27
CA LEU D 69 28.32 3.92 11.67
C LEU D 69 28.98 2.53 11.99
N GLN D 70 30.23 2.52 12.43
CA GLN D 70 30.94 1.28 12.74
C GLN D 70 31.34 1.09 14.24
N ARG D 71 30.58 0.25 14.96
CA ARG D 71 30.95 -0.24 16.31
C ARG D 71 31.38 -1.71 16.28
N THR D 72 32.51 -2.04 16.92
CA THR D 72 32.99 -3.43 16.98
C THR D 72 31.95 -4.29 17.71
N LEU D 73 31.85 -5.57 17.34
CA LEU D 73 30.77 -6.42 17.86
C LEU D 73 29.30 -5.93 17.57
N HIS D 74 29.09 -5.03 16.59
CA HIS D 74 27.72 -4.62 16.17
C HIS D 74 27.57 -4.58 14.60
N TYR D 75 26.31 -4.50 14.10
CA TYR D 75 25.96 -4.21 12.65
C TYR D 75 26.25 -2.73 12.34
N GLU D 76 25.97 -2.29 11.08
CA GLU D 76 26.17 -0.90 10.56
C GLU D 76 24.86 -0.21 10.13
N CYS D 77 24.72 1.10 10.40
CA CYS D 77 23.58 1.93 9.87
C CYS D 77 23.96 2.94 8.79
N ILE D 78 22.94 3.49 8.12
CA ILE D 78 23.06 4.58 7.12
C ILE D 78 22.26 5.80 7.53
N VAL D 79 22.89 6.98 7.61
CA VAL D 79 22.17 8.20 8.07
C VAL D 79 21.55 9.00 6.95
N LEU D 80 20.27 9.27 7.03
CA LEU D 80 19.57 10.15 6.06
C LEU D 80 18.92 11.41 6.71
N VAL D 81 18.24 12.25 5.89
CA VAL D 81 17.59 13.46 6.38
C VAL D 81 16.28 13.61 5.68
N LYS D 82 15.37 14.27 6.36
CA LYS D 82 14.07 14.49 5.86
C LYS D 82 13.97 15.98 5.94
N GLN D 83 13.43 16.63 4.89
CA GLN D 83 13.20 18.04 5.00
C GLN D 83 12.22 18.39 3.92
N PHE D 84 11.50 19.47 4.13
CA PHE D 84 10.55 19.97 3.15
C PHE D 84 11.34 20.48 1.92
N ARG D 85 10.88 20.11 0.72
CA ARG D 85 11.52 20.56 -0.48
C ARG D 85 10.50 21.28 -1.29
N PRO D 86 10.62 22.63 -1.33
CA PRO D 86 9.70 23.47 -2.06
C PRO D 86 9.45 23.05 -3.50
N PRO D 87 10.54 22.76 -4.27
CA PRO D 87 10.32 22.34 -5.66
C PRO D 87 9.41 21.08 -5.77
N MET D 88 9.48 20.25 -4.75
CA MET D 88 8.70 18.99 -4.73
C MET D 88 7.31 19.21 -4.15
N GLY D 89 7.14 20.29 -3.38
CA GLY D 89 5.88 20.51 -2.70
C GLY D 89 5.66 19.56 -1.51
N GLY D 90 6.73 19.22 -0.78
CA GLY D 90 6.58 18.38 0.40
C GLY D 90 7.89 17.80 0.85
N TYR D 91 7.86 16.77 1.70
CA TYR D 91 9.08 16.26 2.35
C TYR D 91 9.70 15.10 1.52
N CYS D 92 11.02 15.01 1.65
CA CYS D 92 11.89 14.09 0.89
C CYS D 92 12.89 13.53 1.91
N ILE D 93 13.29 12.28 1.73
CA ILE D 93 14.37 11.59 2.47
C ILE D 93 15.56 11.49 1.44
N GLU D 94 16.71 11.96 1.88
CA GLU D 94 17.90 12.15 1.06
C GLU D 94 19.14 11.68 1.86
N PHE D 95 20.26 11.48 1.18
CA PHE D 95 21.59 11.42 1.78
C PHE D 95 21.89 12.91 2.13
N PRO D 96 22.66 13.14 3.17
CA PRO D 96 23.00 14.52 3.58
C PRO D 96 23.79 15.16 2.47
N ALA D 97 23.28 16.29 2.00
CA ALA D 97 23.77 16.94 0.82
C ALA D 97 24.27 18.30 1.27
N GLY D 98 24.30 19.27 0.33
CA GLY D 98 24.78 20.62 0.55
C GLY D 98 25.81 21.05 -0.49
N LEU D 99 25.74 22.32 -0.90
CA LEU D 99 26.70 22.87 -1.87
C LEU D 99 28.12 22.99 -1.30
N ILE D 100 29.07 23.23 -2.20
CA ILE D 100 30.47 23.37 -1.84
C ILE D 100 30.80 24.88 -1.76
N ASP D 101 31.63 25.25 -0.78
CA ASP D 101 32.15 26.64 -0.59
C ASP D 101 33.50 26.75 -1.31
N ASP D 102 33.82 27.93 -1.84
CA ASP D 102 35.10 28.13 -2.57
C ASP D 102 36.35 27.73 -1.74
N GLY D 103 37.30 27.03 -2.38
CA GLY D 103 38.60 26.74 -1.76
C GLY D 103 38.67 25.39 -1.07
N GLU D 104 37.73 25.17 -0.15
CA GLU D 104 37.38 23.87 0.45
C GLU D 104 37.33 22.70 -0.55
N THR D 105 38.13 21.66 -0.28
CA THR D 105 38.17 20.40 -1.06
C THR D 105 36.84 19.64 -0.85
N PRO D 106 36.36 18.87 -1.87
CA PRO D 106 35.07 18.16 -1.73
C PRO D 106 34.92 17.30 -0.49
N GLU D 107 36.00 16.61 -0.12
CA GLU D 107 36.10 15.94 1.17
C GLU D 107 35.60 16.88 2.28
N ALA D 108 36.28 18.00 2.42
CA ALA D 108 36.00 18.90 3.51
C ALA D 108 34.56 19.45 3.48
N ALA D 109 33.92 19.61 2.31
CA ALA D 109 32.51 19.99 2.28
C ALA D 109 31.57 18.86 2.81
N ALA D 110 32.10 17.63 2.91
CA ALA D 110 31.38 16.46 3.45
C ALA D 110 31.81 16.04 4.89
N LEU D 111 33.10 15.90 5.22
CA LEU D 111 33.50 15.72 6.66
C LEU D 111 32.91 16.86 7.48
N ARG D 112 32.95 18.07 6.92
CA ARG D 112 32.21 19.25 7.44
C ARG D 112 30.75 18.96 7.57
N GLU D 113 30.11 18.75 6.43
CA GLU D 113 28.65 18.72 6.41
C GLU D 113 28.02 17.41 6.96
N LEU D 114 28.85 16.45 7.36
CA LEU D 114 28.40 15.34 8.22
C LEU D 114 28.63 15.61 9.74
N GLU D 115 29.74 16.24 10.14
CA GLU D 115 29.80 16.81 11.50
C GLU D 115 28.62 17.80 11.71
N GLU D 116 28.36 18.67 10.73
CA GLU D 116 27.19 19.59 10.77
C GLU D 116 25.86 18.92 11.01
N GLU D 117 25.36 18.13 10.06
CA GLU D 117 23.98 17.60 10.17
C GLU D 117 23.82 16.34 11.01
N THR D 118 24.92 15.74 11.47
CA THR D 118 24.85 14.52 12.29
C THR D 118 25.63 14.54 13.57
N GLY D 119 26.61 15.44 13.66
CA GLY D 119 27.54 15.47 14.76
C GLY D 119 28.70 14.49 14.68
N TYR D 120 28.77 13.59 13.66
CA TYR D 120 29.78 12.52 13.71
C TYR D 120 31.14 12.96 13.11
N LYS D 121 32.25 12.61 13.76
CA LYS D 121 33.59 12.70 13.18
C LYS D 121 33.87 11.45 12.34
N GLY D 122 33.83 11.65 11.01
CA GLY D 122 34.21 10.68 10.00
C GLY D 122 35.72 10.55 9.75
N ASP D 123 36.07 9.42 9.17
CA ASP D 123 37.37 9.17 8.57
C ASP D 123 37.02 8.90 7.10
N ILE D 124 37.51 9.71 6.17
CA ILE D 124 37.10 9.56 4.75
C ILE D 124 37.61 8.25 4.23
N ALA D 125 36.70 7.52 3.58
CA ALA D 125 37.07 6.27 2.94
C ALA D 125 37.29 6.54 1.45
N GLU D 126 36.38 7.23 0.79
CA GLU D 126 36.54 7.44 -0.65
C GLU D 126 35.71 8.57 -1.13
N CYS D 127 36.10 9.08 -2.29
CA CYS D 127 35.49 10.23 -2.87
C CYS D 127 35.33 10.03 -4.36
N SER D 128 34.14 10.34 -4.87
CA SER D 128 33.86 10.12 -6.30
C SER D 128 34.37 11.30 -7.12
N PRO D 129 34.71 11.06 -8.42
CA PRO D 129 34.73 12.25 -9.29
C PRO D 129 33.34 12.88 -9.35
N ALA D 130 33.17 13.96 -10.10
CA ALA D 130 31.88 14.63 -10.20
C ALA D 130 30.92 13.79 -11.03
N VAL D 131 29.69 13.71 -10.53
CA VAL D 131 28.60 12.89 -11.11
C VAL D 131 27.36 13.76 -11.33
N CYS D 132 26.64 13.47 -12.42
CA CYS D 132 25.54 14.28 -12.85
C CYS D 132 24.25 13.84 -12.14
N MET D 133 23.40 14.83 -11.92
CA MET D 133 22.17 14.67 -11.16
C MET D 133 20.95 14.32 -12.01
N ASP D 134 20.81 14.95 -13.17
CA ASP D 134 19.67 14.71 -14.05
C ASP D 134 20.10 15.30 -15.37
N PRO D 135 20.94 14.54 -16.11
CA PRO D 135 21.66 15.19 -17.19
C PRO D 135 20.79 15.59 -18.35
N GLY D 136 19.61 14.96 -18.56
CA GLY D 136 18.68 15.39 -19.59
C GLY D 136 17.91 16.70 -19.28
N LEU D 137 18.10 17.22 -18.09
CA LEU D 137 17.42 18.41 -17.57
C LEU D 137 18.43 19.52 -17.27
N SER D 138 19.42 19.22 -16.43
CA SER D 138 20.38 20.20 -15.99
C SER D 138 21.85 19.79 -16.12
N ASN D 139 22.76 20.80 -16.08
CA ASN D 139 24.19 20.53 -15.90
C ASN D 139 24.57 20.22 -14.46
N CYS D 140 23.61 20.13 -13.56
CA CYS D 140 23.94 19.97 -12.16
C CYS D 140 24.74 18.68 -11.83
N THR D 141 25.78 18.84 -11.00
CA THR D 141 26.68 17.80 -10.60
C THR D 141 27.08 17.88 -9.13
N ILE D 142 27.47 16.74 -8.59
CA ILE D 142 28.01 16.58 -7.24
C ILE D 142 29.15 15.59 -7.18
N HIS D 143 29.85 15.59 -6.06
CA HIS D 143 30.69 14.52 -5.64
C HIS D 143 29.88 13.72 -4.60
N ILE D 144 29.97 12.38 -4.65
CA ILE D 144 29.36 11.47 -3.66
C ILE D 144 30.55 11.01 -2.82
N VAL D 145 30.54 11.30 -1.53
CA VAL D 145 31.65 10.96 -0.62
C VAL D 145 31.24 9.97 0.45
N THR D 146 32.05 8.93 0.62
CA THR D 146 31.78 7.79 1.50
C THR D 146 32.55 8.04 2.81
N VAL D 147 31.81 8.09 3.93
CA VAL D 147 32.35 8.46 5.28
C VAL D 147 32.17 7.32 6.32
N THR D 148 33.26 6.82 6.90
CA THR D 148 33.22 5.83 8.02
C THR D 148 33.45 6.50 9.37
N ILE D 149 32.68 6.07 10.36
CA ILE D 149 32.67 6.63 11.72
C ILE D 149 33.19 5.60 12.71
N ASN D 150 33.94 6.06 13.71
CA ASN D 150 34.52 5.15 14.72
C ASN D 150 33.68 5.26 16.00
N GLY D 151 32.60 4.47 16.10
CA GLY D 151 31.61 4.60 17.20
C GLY D 151 32.07 4.08 18.56
N ASP D 152 33.28 3.49 18.57
CA ASP D 152 34.08 3.20 19.77
C ASP D 152 34.95 4.40 20.26
N ASP D 153 34.75 5.58 19.67
CA ASP D 153 35.40 6.84 20.09
C ASP D 153 34.36 7.70 20.82
N ALA D 154 34.85 8.30 21.93
CA ALA D 154 34.09 9.23 22.80
C ALA D 154 33.37 10.43 22.12
N GLU D 155 34.02 11.06 21.13
CA GLU D 155 33.38 12.10 20.31
C GLU D 155 32.08 11.65 19.65
N ASN D 156 32.06 10.39 19.21
CA ASN D 156 30.92 9.80 18.50
C ASN D 156 29.94 9.10 19.44
N ALA D 157 30.34 8.93 20.69
CA ALA D 157 29.52 8.23 21.68
C ALA D 157 28.02 8.51 21.58
N ARG D 158 27.64 9.78 21.45
CA ARG D 158 26.22 10.14 21.39
C ARG D 158 25.99 11.58 20.93
N PRO D 159 26.77 12.03 19.94
CA PRO D 159 26.76 13.40 19.42
C PRO D 159 25.36 13.94 19.05
N LYS D 160 25.33 15.19 18.59
CA LYS D 160 24.08 15.85 18.19
C LYS D 160 24.36 16.88 17.09
N PRO D 161 23.32 17.23 16.32
CA PRO D 161 23.44 18.10 15.14
C PRO D 161 24.03 19.47 15.47
N LYS D 162 24.20 20.31 14.45
CA LYS D 162 24.74 21.68 14.62
C LYS D 162 24.42 22.47 13.33
N PRO D 163 23.12 22.64 13.01
CA PRO D 163 22.78 23.30 11.76
C PRO D 163 22.94 24.80 11.86
N GLY D 164 23.33 25.43 10.75
CA GLY D 164 23.24 26.89 10.61
C GLY D 164 21.79 27.31 10.65
N ASP D 165 21.54 28.60 10.42
CA ASP D 165 20.16 29.13 10.33
C ASP D 165 19.51 28.57 9.08
N GLY D 166 18.18 28.49 9.08
CA GLY D 166 17.44 27.96 7.93
C GLY D 166 17.40 26.44 7.77
N GLU D 167 18.51 25.75 8.02
CA GLU D 167 18.59 24.30 7.83
C GLU D 167 17.76 23.55 8.87
N PHE D 168 16.56 23.12 8.47
CA PHE D 168 15.64 22.34 9.32
C PHE D 168 15.46 20.91 8.82
N VAL D 169 16.40 20.08 9.25
CA VAL D 169 16.56 18.71 8.82
C VAL D 169 16.39 17.80 10.03
N GLU D 170 15.45 16.85 9.91
CA GLU D 170 15.31 15.72 10.84
C GLU D 170 16.23 14.62 10.34
N VAL D 171 16.95 14.00 11.27
CA VAL D 171 17.84 12.88 11.00
C VAL D 171 17.04 11.52 11.05
N ILE D 172 17.31 10.63 10.10
CA ILE D 172 16.63 9.32 9.97
C ILE D 172 17.75 8.31 9.69
N SER D 173 17.98 7.44 10.66
CA SER D 173 19.03 6.43 10.59
C SER D 173 18.32 5.07 10.32
N LEU D 174 18.65 4.42 9.20
CA LEU D 174 18.08 3.10 8.86
C LEU D 174 19.18 2.07 8.79
N PRO D 175 18.89 0.79 9.16
CA PRO D 175 19.93 -0.23 9.16
C PRO D 175 20.34 -0.59 7.71
N LYS D 176 21.64 -0.83 7.53
CA LYS D 176 22.23 -1.06 6.19
C LYS D 176 21.71 -2.39 5.59
N ASN D 177 21.70 -3.42 6.41
CA ASN D 177 21.17 -4.76 6.06
C ASN D 177 19.69 -4.91 5.62
N ASP D 178 18.85 -3.88 5.82
CA ASP D 178 17.47 -3.88 5.37
C ASP D 178 17.03 -2.54 4.85
N LEU D 179 17.99 -1.79 4.28
CA LEU D 179 17.71 -0.41 3.93
C LEU D 179 16.56 -0.36 2.96
N LEU D 180 16.62 -1.21 1.93
CA LEU D 180 15.63 -1.15 0.91
C LEU D 180 14.22 -1.26 1.51
N GLN D 181 14.04 -2.27 2.34
CA GLN D 181 12.70 -2.60 2.92
C GLN D 181 12.13 -1.46 3.79
N ARG D 182 13.03 -0.90 4.57
CA ARG D 182 12.75 0.24 5.46
C ARG D 182 12.38 1.47 4.74
N LEU D 183 13.04 1.73 3.61
CA LEU D 183 12.58 2.77 2.75
C LEU D 183 11.18 2.55 2.24
N ASP D 184 10.93 1.34 1.70
CA ASP D 184 9.63 1.06 1.07
C ASP D 184 8.49 1.28 2.08
N ALA D 185 8.81 0.92 3.29
CA ALA D 185 7.90 0.96 4.41
C ALA D 185 7.51 2.41 4.73
N LEU D 186 8.54 3.26 4.84
CA LEU D 186 8.31 4.68 5.08
C LEU D 186 7.43 5.28 4.02
N VAL D 187 7.65 4.90 2.76
CA VAL D 187 6.83 5.41 1.66
C VAL D 187 5.37 4.95 1.75
N ALA D 188 5.20 3.70 2.19
CA ALA D 188 3.87 3.08 2.33
C ALA D 188 3.03 3.77 3.42
N GLU D 189 3.72 4.25 4.46
CA GLU D 189 3.09 4.85 5.66
C GLU D 189 3.11 6.41 5.79
N GLU D 190 4.09 7.12 5.21
CA GLU D 190 4.51 8.47 5.75
C GLU D 190 4.70 9.76 4.92
N HIS D 191 3.74 10.13 4.07
CA HIS D 191 3.77 11.41 3.33
C HIS D 191 5.19 11.94 3.02
N LEU D 192 5.93 11.20 2.21
CA LEU D 192 7.30 11.60 1.88
C LEU D 192 7.72 10.95 0.54
N THR D 193 8.77 11.51 -0.08
CA THR D 193 9.39 11.01 -1.32
C THR D 193 10.85 10.57 -0.99
N VAL D 194 11.32 9.39 -1.44
CA VAL D 194 12.69 8.89 -1.10
C VAL D 194 13.52 9.27 -2.32
N ASP D 195 14.79 9.56 -2.09
CA ASP D 195 15.63 10.12 -3.17
C ASP D 195 16.22 8.96 -3.98
N ALA D 196 16.34 9.22 -5.27
CA ALA D 196 16.79 8.23 -6.28
C ALA D 196 18.15 7.67 -6.06
N ARG D 197 19.08 8.46 -5.52
N ARG D 197 19.09 8.48 -5.55
CA ARG D 197 20.41 7.99 -5.20
CA ARG D 197 20.43 8.00 -5.17
C ARG D 197 20.44 7.11 -3.95
C ARG D 197 20.39 7.07 -3.98
N VAL D 198 19.59 7.44 -2.97
CA VAL D 198 19.42 6.58 -1.81
C VAL D 198 18.77 5.21 -2.21
N TYR D 199 17.72 5.26 -3.01
CA TYR D 199 17.00 4.06 -3.46
C TYR D 199 17.91 3.16 -4.30
N SER D 200 18.70 3.77 -5.20
CA SER D 200 19.66 3.03 -6.03
C SER D 200 20.68 2.36 -5.16
N TYR D 201 21.17 3.08 -4.13
CA TYR D 201 22.12 2.49 -3.20
C TYR D 201 21.56 1.23 -2.48
N ALA D 202 20.36 1.39 -1.95
CA ALA D 202 19.68 0.32 -1.23
C ALA D 202 19.42 -0.90 -2.18
N LEU D 203 19.00 -0.66 -3.44
CA LEU D 203 18.85 -1.77 -4.43
C LEU D 203 20.09 -2.64 -4.54
N ALA D 204 21.21 -1.94 -4.71
CA ALA D 204 22.50 -2.58 -4.92
C ALA D 204 23.01 -3.40 -3.73
N LEU D 205 22.61 -3.03 -2.52
CA LEU D 205 22.93 -3.83 -1.35
C LEU D 205 22.26 -5.20 -1.42
N LYS D 206 21.06 -5.23 -1.97
CA LYS D 206 20.37 -6.49 -2.23
C LYS D 206 20.95 -7.19 -3.46
N HIS D 207 21.16 -6.44 -4.54
CA HIS D 207 21.62 -7.08 -5.82
C HIS D 207 23.04 -7.66 -5.78
N ALA D 208 23.90 -7.10 -4.94
CA ALA D 208 25.24 -7.63 -4.76
C ALA D 208 25.37 -9.13 -4.56
N ASN D 209 26.47 -9.67 -5.08
CA ASN D 209 26.94 -11.05 -4.79
C ASN D 209 26.31 -12.09 -5.72
#